data_1ITU
#
_entry.id   1ITU
#
_cell.length_a   80.179
_cell.length_b   79.491
_cell.length_c   56.951
_cell.angle_alpha   90.00
_cell.angle_beta   96.34
_cell.angle_gamma   90.00
#
_symmetry.space_group_name_H-M   'P 1 21 1'
#
loop_
_entity.id
_entity.type
_entity.pdbx_description
1 polymer 'RENAL DIPEPTIDASE'
2 non-polymer 2-acetamido-2-deoxy-beta-D-glucopyranose
3 non-polymer 'ZINC ION'
4 non-polymer CILASTATIN
5 water water
#
_entity_poly.entity_id   1
_entity_poly.type   'polypeptide(L)'
_entity_poly.pdbx_seq_one_letter_code
;DFFRDEAERIMRDSPVIDGHNDLPWQLLDMFNNRLQDERANLTTLAGTHTNIPKLRAGFVGGQFWSVYTPCDTQNKDAVR
RTLEQMDVVHRMCRMYPETFLYVTSSAGIRQAFREGKVASLIGVEGGHSIDSSLGVLRALYQLGMRYLTLTHSCNTPWAD
NWLVDTGDSEPQSQGLSPFGQRVVKELNRLGVLIDLAHVSVATMKATLQLSRAPVIFSHSSAYSVCASRRNVPDDVLRLV
KQTDSLVMVNFYNNYISCTNKANLSQVADHLDHIKEVAGARAVGFGGDFDGVPRVPEGLEDVSKYPDLIAELLRRNWTEA
EVKGALADNLLRVFEAVEQASNLTQAPEEEPIPLDQLGGSCRTHYGYSS
;
_entity_poly.pdbx_strand_id   A,B
#
# COMPACT_ATOMS: atom_id res chain seq x y z
N ASP A 1 19.62 30.53 -32.08
CA ASP A 1 20.80 30.00 -31.32
C ASP A 1 21.02 28.55 -31.73
N PHE A 2 22.22 28.25 -32.23
CA PHE A 2 22.56 26.90 -32.68
C PHE A 2 22.45 25.83 -31.61
N PHE A 3 23.02 26.09 -30.43
CA PHE A 3 23.00 25.11 -29.36
C PHE A 3 21.63 24.86 -28.70
N ARG A 4 20.76 25.86 -28.73
CA ARG A 4 19.41 25.73 -28.19
C ARG A 4 18.55 24.91 -29.16
N ASP A 5 18.76 25.08 -30.46
CA ASP A 5 18.01 24.34 -31.47
C ASP A 5 18.44 22.89 -31.42
N GLU A 6 19.75 22.67 -31.30
CA GLU A 6 20.31 21.32 -31.22
C GLU A 6 19.82 20.61 -29.97
N ALA A 7 19.73 21.35 -28.87
CA ALA A 7 19.27 20.80 -27.61
C ALA A 7 17.84 20.29 -27.76
N GLU A 8 17.01 21.07 -28.44
CA GLU A 8 15.62 20.68 -28.68
C GLU A 8 15.52 19.49 -29.62
N ARG A 9 16.33 19.49 -30.68
CA ARG A 9 16.32 18.40 -31.63
C ARG A 9 16.63 17.10 -30.89
N ILE A 10 17.67 17.14 -30.07
CA ILE A 10 18.09 15.97 -29.30
C ILE A 10 17.04 15.61 -28.24
N MET A 11 16.48 16.62 -27.58
CA MET A 11 15.49 16.37 -26.55
C MET A 11 14.16 15.85 -27.05
N ARG A 12 13.92 15.96 -28.36
CA ARG A 12 12.68 15.42 -28.92
C ARG A 12 12.83 13.91 -29.13
N ASP A 13 14.08 13.43 -29.13
CA ASP A 13 14.37 12.00 -29.27
C ASP A 13 14.63 11.43 -27.88
N SER A 14 15.31 12.21 -27.03
CA SER A 14 15.64 11.81 -25.66
C SER A 14 15.22 12.90 -24.68
N PRO A 15 13.92 12.97 -24.34
CA PRO A 15 13.45 13.98 -23.39
C PRO A 15 14.13 13.72 -22.06
N VAL A 16 14.23 14.71 -21.19
CA VAL A 16 14.88 14.49 -19.90
C VAL A 16 14.07 13.65 -18.92
N ILE A 17 14.76 12.76 -18.21
CA ILE A 17 14.13 11.95 -17.17
C ILE A 17 14.75 12.53 -15.91
N ASP A 18 13.97 13.31 -15.17
CA ASP A 18 14.49 13.91 -13.96
C ASP A 18 14.28 12.91 -12.82
N GLY A 19 15.27 12.81 -11.95
CA GLY A 19 15.20 11.85 -10.87
C GLY A 19 14.55 12.25 -9.57
N HIS A 20 14.19 13.52 -9.40
CA HIS A 20 13.58 13.98 -8.16
C HIS A 20 12.87 15.32 -8.20
N ASN A 21 11.54 15.29 -8.11
CA ASN A 21 10.75 16.50 -8.10
C ASN A 21 9.74 16.41 -6.94
N ASP A 22 9.78 17.39 -6.03
CA ASP A 22 8.88 17.42 -4.88
C ASP A 22 7.52 18.10 -5.06
N LEU A 23 6.93 18.02 -6.24
CA LEU A 23 5.61 18.61 -6.46
C LEU A 23 4.56 18.03 -5.51
N PRO A 24 4.55 16.68 -5.30
CA PRO A 24 3.56 16.09 -4.39
C PRO A 24 3.53 16.73 -3.00
N TRP A 25 4.71 17.11 -2.50
CA TRP A 25 4.84 17.76 -1.19
C TRP A 25 4.15 19.13 -1.22
N GLN A 26 4.29 19.83 -2.35
CA GLN A 26 3.67 21.13 -2.54
C GLN A 26 2.14 20.99 -2.62
N LEU A 27 1.68 19.93 -3.28
CA LEU A 27 0.24 19.68 -3.40
C LEU A 27 -0.36 19.45 -2.02
N LEU A 28 0.41 18.84 -1.12
CA LEU A 28 -0.01 18.57 0.24
C LEU A 28 0.03 19.85 1.09
N ASP A 29 1.17 20.52 1.07
CA ASP A 29 1.36 21.74 1.85
C ASP A 29 0.46 22.90 1.41
N MET A 30 0.25 23.00 0.11
CA MET A 30 -0.58 24.06 -0.45
C MET A 30 -2.08 23.78 -0.49
N PHE A 31 -2.47 22.56 -0.88
CA PHE A 31 -3.89 22.22 -0.99
C PHE A 31 -4.35 21.01 -0.18
N ASN A 32 -3.48 20.46 0.67
CA ASN A 32 -3.83 19.28 1.44
C ASN A 32 -4.28 18.17 0.50
N ASN A 33 -3.58 18.04 -0.62
CA ASN A 33 -3.85 17.02 -1.65
C ASN A 33 -5.22 17.05 -2.32
N ARG A 34 -5.89 18.21 -2.27
CA ARG A 34 -7.18 18.36 -2.92
C ARG A 34 -6.93 18.87 -4.34
N LEU A 35 -6.86 17.91 -5.26
CA LEU A 35 -6.60 18.16 -6.67
C LEU A 35 -7.74 18.82 -7.43
N GLN A 36 -8.93 18.82 -6.84
CA GLN A 36 -10.09 19.45 -7.48
C GLN A 36 -10.14 20.94 -7.17
N ASP A 37 -9.41 21.36 -6.13
CA ASP A 37 -9.35 22.76 -5.75
C ASP A 37 -8.94 23.49 -7.03
N GLU A 38 -9.61 24.59 -7.34
CA GLU A 38 -9.33 25.33 -8.56
C GLU A 38 -7.88 25.86 -8.65
N ARG A 39 -7.30 26.23 -7.52
CA ARG A 39 -5.92 26.73 -7.48
C ARG A 39 -4.93 25.64 -7.86
N ALA A 40 -5.32 24.39 -7.57
CA ALA A 40 -4.50 23.21 -7.82
C ALA A 40 -4.49 22.70 -9.25
N ASN A 41 -5.22 23.37 -10.16
CA ASN A 41 -5.25 22.95 -11.57
C ASN A 41 -3.83 23.01 -12.08
N LEU A 42 -3.30 21.86 -12.48
CA LEU A 42 -1.92 21.73 -12.96
C LEU A 42 -1.59 22.36 -14.31
N THR A 43 -2.60 22.80 -15.05
CA THR A 43 -2.35 23.43 -16.34
C THR A 43 -2.12 24.93 -16.10
N THR A 44 -2.57 25.39 -14.95
CA THR A 44 -2.48 26.80 -14.59
C THR A 44 -1.74 27.11 -13.28
N LEU A 45 -1.41 26.07 -12.52
CA LEU A 45 -0.73 26.24 -11.23
C LEU A 45 0.43 27.23 -11.23
N ALA A 46 0.35 28.19 -10.30
CA ALA A 46 1.38 29.21 -10.16
C ALA A 46 2.01 29.09 -8.79
N GLY A 47 3.21 29.64 -8.63
CA GLY A 47 3.89 29.59 -7.35
C GLY A 47 4.75 28.37 -7.10
N THR A 48 4.96 27.57 -8.15
CA THR A 48 5.77 26.36 -8.04
C THR A 48 6.71 26.32 -9.23
N HIS A 49 7.74 25.47 -9.15
CA HIS A 49 8.68 25.33 -10.26
C HIS A 49 8.08 24.43 -11.32
N THR A 50 7.06 23.67 -10.93
CA THR A 50 6.43 22.72 -11.84
C THR A 50 4.93 22.87 -12.11
N ASN A 51 4.57 22.64 -13.36
CA ASN A 51 3.19 22.63 -13.81
C ASN A 51 3.24 22.05 -15.22
N ILE A 52 2.10 21.72 -15.80
CA ILE A 52 2.06 21.11 -17.12
C ILE A 52 2.73 21.87 -18.28
N PRO A 53 2.33 23.12 -18.52
CA PRO A 53 2.98 23.84 -19.63
C PRO A 53 4.49 24.02 -19.42
N LYS A 54 4.92 24.17 -18.17
CA LYS A 54 6.35 24.32 -17.90
C LYS A 54 7.08 23.03 -18.25
N LEU A 55 6.50 21.89 -17.88
CA LEU A 55 7.11 20.59 -18.19
C LEU A 55 7.25 20.38 -19.69
N ARG A 56 6.24 20.80 -20.44
CA ARG A 56 6.26 20.66 -21.89
C ARG A 56 7.31 21.58 -22.53
N ALA A 57 7.44 22.78 -22.00
CA ALA A 57 8.42 23.74 -22.51
C ALA A 57 9.85 23.27 -22.21
N GLY A 58 10.03 22.59 -21.08
CA GLY A 58 11.33 22.10 -20.71
C GLY A 58 11.68 20.77 -21.34
N PHE A 59 10.80 20.24 -22.19
CA PHE A 59 11.02 18.96 -22.85
C PHE A 59 11.24 17.78 -21.88
N VAL A 60 10.52 17.80 -20.76
CA VAL A 60 10.61 16.73 -19.76
C VAL A 60 9.73 15.55 -20.20
N GLY A 61 10.34 14.40 -20.40
CA GLY A 61 9.60 13.22 -20.82
C GLY A 61 9.49 12.15 -19.75
N GLY A 62 10.24 12.31 -18.67
CA GLY A 62 10.21 11.34 -17.59
C GLY A 62 10.42 12.02 -16.26
N GLN A 63 9.75 11.52 -15.23
CA GLN A 63 9.87 12.12 -13.92
C GLN A 63 9.61 11.19 -12.75
N PHE A 64 10.56 11.15 -11.82
CA PHE A 64 10.37 10.38 -10.61
C PHE A 64 9.79 11.40 -9.63
N TRP A 65 8.49 11.28 -9.38
CA TRP A 65 7.80 12.16 -8.44
C TRP A 65 8.13 11.71 -7.04
N SER A 66 8.66 12.64 -6.25
CA SER A 66 9.01 12.33 -4.88
C SER A 66 7.81 12.19 -3.95
N VAL A 67 7.79 11.10 -3.21
CA VAL A 67 6.77 10.81 -2.22
C VAL A 67 7.59 10.97 -0.95
N TYR A 68 7.50 12.16 -0.40
CA TYR A 68 8.26 12.54 0.77
C TYR A 68 7.40 12.91 1.97
N THR A 69 7.77 12.38 3.14
CA THR A 69 7.10 12.68 4.40
C THR A 69 8.25 13.13 5.29
N PRO A 70 8.09 14.27 5.98
CA PRO A 70 9.15 14.81 6.85
C PRO A 70 9.74 13.84 7.88
N CYS A 71 10.96 14.16 8.32
CA CYS A 71 11.66 13.36 9.32
C CYS A 71 10.91 13.29 10.64
N ASP A 72 10.19 14.36 10.99
CA ASP A 72 9.45 14.31 12.24
C ASP A 72 8.22 13.39 12.20
N THR A 73 7.97 12.78 11.04
CA THR A 73 6.86 11.83 10.93
C THR A 73 7.38 10.42 11.23
N GLN A 74 8.70 10.27 11.40
CA GLN A 74 9.29 8.97 11.72
C GLN A 74 8.82 8.61 13.13
N ASN A 75 8.35 7.37 13.29
CA ASN A 75 7.84 6.85 14.55
C ASN A 75 6.53 7.55 14.95
N LYS A 76 5.88 8.14 13.96
CA LYS A 76 4.60 8.85 14.14
C LYS A 76 3.66 8.35 13.03
N ASP A 77 3.41 9.18 12.03
CA ASP A 77 2.54 8.83 10.91
C ASP A 77 3.24 8.75 9.54
N ALA A 78 4.52 8.41 9.53
CA ALA A 78 5.29 8.30 8.28
C ALA A 78 4.65 7.37 7.24
N VAL A 79 4.26 6.16 7.66
CA VAL A 79 3.66 5.22 6.71
C VAL A 79 2.35 5.76 6.13
N ARG A 80 1.49 6.28 6.99
CA ARG A 80 0.22 6.84 6.55
C ARG A 80 0.44 7.91 5.49
N ARG A 81 1.27 8.91 5.81
CA ARG A 81 1.52 9.99 4.87
C ARG A 81 2.21 9.57 3.58
N THR A 82 3.04 8.52 3.65
CA THR A 82 3.72 8.00 2.47
C THR A 82 2.69 7.48 1.49
N LEU A 83 1.69 6.74 1.99
CA LEU A 83 0.61 6.18 1.15
C LEU A 83 -0.22 7.31 0.54
N GLU A 84 -0.46 8.35 1.34
CA GLU A 84 -1.21 9.51 0.89
C GLU A 84 -0.45 10.26 -0.22
N GLN A 85 0.88 10.34 -0.11
CA GLN A 85 1.66 11.03 -1.14
C GLN A 85 1.76 10.18 -2.39
N MET A 86 1.76 8.86 -2.22
CA MET A 86 1.80 7.96 -3.37
C MET A 86 0.46 8.10 -4.07
N ASP A 87 -0.60 8.18 -3.26
CA ASP A 87 -1.96 8.34 -3.75
C ASP A 87 -2.14 9.61 -4.58
N VAL A 88 -1.62 10.74 -4.11
CA VAL A 88 -1.79 11.99 -4.86
C VAL A 88 -1.10 11.93 -6.23
N VAL A 89 -0.04 11.13 -6.32
CA VAL A 89 0.68 10.94 -7.59
C VAL A 89 -0.18 10.09 -8.50
N HIS A 90 -0.78 9.04 -7.95
CA HIS A 90 -1.66 8.17 -8.75
C HIS A 90 -2.83 9.01 -9.28
N ARG A 91 -3.44 9.79 -8.39
CA ARG A 91 -4.58 10.62 -8.76
C ARG A 91 -4.21 11.71 -9.77
N MET A 92 -3.00 12.25 -9.63
CA MET A 92 -2.51 13.27 -10.55
C MET A 92 -2.45 12.72 -11.98
N CYS A 93 -1.90 11.51 -12.13
CA CYS A 93 -1.79 10.85 -13.43
C CYS A 93 -3.16 10.54 -14.05
N ARG A 94 -4.12 10.22 -13.18
CA ARG A 94 -5.49 9.90 -13.57
C ARG A 94 -6.27 11.16 -13.97
N MET A 95 -6.00 12.26 -13.28
CA MET A 95 -6.68 13.53 -13.54
C MET A 95 -6.17 14.23 -14.81
N TYR A 96 -4.90 13.99 -15.17
CA TYR A 96 -4.32 14.60 -16.36
C TYR A 96 -3.68 13.52 -17.21
N PRO A 97 -4.48 12.55 -17.68
CA PRO A 97 -4.00 11.43 -18.49
C PRO A 97 -3.41 11.81 -19.84
N GLU A 98 -3.75 13.00 -20.32
CA GLU A 98 -3.23 13.44 -21.60
C GLU A 98 -1.77 13.88 -21.45
N THR A 99 -1.38 14.21 -20.22
CA THR A 99 -0.04 14.65 -19.91
C THR A 99 0.82 13.56 -19.27
N PHE A 100 0.35 12.99 -18.17
CA PHE A 100 1.10 11.96 -17.45
C PHE A 100 0.71 10.52 -17.71
N LEU A 101 1.72 9.68 -17.90
CA LEU A 101 1.51 8.26 -18.07
C LEU A 101 2.17 7.62 -16.85
N TYR A 102 1.35 7.06 -15.96
CA TYR A 102 1.87 6.40 -14.77
C TYR A 102 2.60 5.12 -15.20
N VAL A 103 3.89 5.01 -14.85
CA VAL A 103 4.69 3.83 -15.19
C VAL A 103 5.53 3.34 -14.03
N THR A 104 6.01 2.10 -14.15
CA THR A 104 6.79 1.51 -13.09
C THR A 104 7.97 0.69 -13.62
N SER A 105 8.27 0.85 -14.91
CA SER A 105 9.38 0.11 -15.53
C SER A 105 10.09 0.95 -16.58
N SER A 106 11.21 0.45 -17.08
CA SER A 106 11.97 1.15 -18.11
C SER A 106 11.23 1.07 -19.44
N ALA A 107 10.55 -0.05 -19.66
CA ALA A 107 9.78 -0.23 -20.90
C ALA A 107 8.60 0.75 -20.83
N GLY A 108 8.09 0.99 -19.63
CA GLY A 108 6.99 1.93 -19.46
C GLY A 108 7.44 3.34 -19.80
N ILE A 109 8.65 3.72 -19.38
CA ILE A 109 9.19 5.04 -19.66
C ILE A 109 9.29 5.23 -21.18
N ARG A 110 9.80 4.20 -21.89
CA ARG A 110 9.92 4.27 -23.34
C ARG A 110 8.56 4.40 -23.99
N GLN A 111 7.54 3.78 -23.38
CA GLN A 111 6.17 3.88 -23.91
C GLN A 111 5.68 5.32 -23.79
N ALA A 112 5.94 5.93 -22.64
CA ALA A 112 5.54 7.31 -22.41
C ALA A 112 6.21 8.19 -23.44
N PHE A 113 7.51 7.97 -23.66
CA PHE A 113 8.28 8.73 -24.65
C PHE A 113 7.61 8.65 -26.02
N ARG A 114 7.26 7.43 -26.44
CA ARG A 114 6.61 7.17 -27.73
C ARG A 114 5.27 7.85 -27.90
N GLU A 115 4.55 8.00 -26.79
CA GLU A 115 3.23 8.63 -26.81
C GLU A 115 3.25 10.13 -26.64
N GLY A 116 4.40 10.67 -26.24
CA GLY A 116 4.51 12.10 -26.02
C GLY A 116 4.00 12.49 -24.63
N LYS A 117 4.00 11.52 -23.72
CA LYS A 117 3.55 11.74 -22.35
C LYS A 117 4.71 11.76 -21.37
N VAL A 118 4.50 12.43 -20.25
CA VAL A 118 5.52 12.51 -19.21
C VAL A 118 5.46 11.27 -18.34
N ALA A 119 6.43 10.37 -18.52
CA ALA A 119 6.50 9.15 -17.72
C ALA A 119 6.49 9.56 -16.24
N SER A 120 5.54 9.04 -15.49
CA SER A 120 5.41 9.38 -14.08
C SER A 120 5.68 8.21 -13.15
N LEU A 121 6.79 8.29 -12.42
CA LEU A 121 7.16 7.23 -11.50
C LEU A 121 7.20 7.74 -10.09
N ILE A 122 7.38 6.83 -9.14
CA ILE A 122 7.43 7.20 -7.74
C ILE A 122 8.78 6.91 -7.11
N GLY A 123 9.30 7.91 -6.43
CA GLY A 123 10.55 7.76 -5.71
C GLY A 123 10.23 8.07 -4.27
N VAL A 124 10.42 7.09 -3.37
CA VAL A 124 10.12 7.29 -1.96
C VAL A 124 11.33 7.87 -1.27
N GLU A 125 11.18 9.09 -0.77
CA GLU A 125 12.29 9.79 -0.13
C GLU A 125 12.46 9.64 1.37
N GLY A 126 13.15 8.58 1.78
CA GLY A 126 13.41 8.39 3.20
C GLY A 126 13.01 7.01 3.68
N GLY A 127 13.98 6.29 4.25
CA GLY A 127 13.73 4.96 4.75
C GLY A 127 12.72 4.92 5.89
N HIS A 128 12.48 6.05 6.55
CA HIS A 128 11.50 6.11 7.64
C HIS A 128 10.08 5.81 7.15
N SER A 129 9.89 5.89 5.84
CA SER A 129 8.60 5.60 5.21
C SER A 129 8.18 4.14 5.38
N ILE A 130 9.14 3.24 5.59
CA ILE A 130 8.78 1.84 5.78
C ILE A 130 8.70 1.44 7.25
N ASP A 131 9.03 2.38 8.14
CA ASP A 131 9.05 2.13 9.58
C ASP A 131 9.69 0.77 9.93
N SER A 132 10.87 0.53 9.35
CA SER A 132 11.66 -0.68 9.56
C SER A 132 10.93 -2.01 9.33
N SER A 133 10.07 -2.04 8.31
CA SER A 133 9.29 -3.22 8.00
C SER A 133 9.49 -3.65 6.56
N LEU A 134 9.83 -4.91 6.36
CA LEU A 134 10.03 -5.46 5.02
C LEU A 134 8.68 -5.67 4.32
N GLY A 135 7.61 -5.81 5.10
CA GLY A 135 6.27 -5.97 4.54
C GLY A 135 5.77 -4.65 3.97
N VAL A 136 6.00 -3.55 4.69
CA VAL A 136 5.62 -2.22 4.22
C VAL A 136 6.44 -1.91 2.96
N LEU A 137 7.70 -2.35 2.95
CA LEU A 137 8.58 -2.11 1.80
C LEU A 137 7.97 -2.78 0.57
N ARG A 138 7.60 -4.05 0.69
CA ARG A 138 6.97 -4.77 -0.41
C ARG A 138 5.64 -4.13 -0.81
N ALA A 139 4.89 -3.63 0.18
CA ALA A 139 3.62 -2.97 -0.11
C ALA A 139 3.86 -1.71 -0.94
N LEU A 140 4.88 -0.93 -0.56
CA LEU A 140 5.22 0.29 -1.30
C LEU A 140 5.62 -0.06 -2.73
N TYR A 141 6.35 -1.16 -2.90
CA TYR A 141 6.75 -1.60 -4.23
C TYR A 141 5.50 -1.87 -5.07
N GLN A 142 4.55 -2.59 -4.49
CA GLN A 142 3.31 -2.91 -5.18
C GLN A 142 2.51 -1.66 -5.52
N LEU A 143 2.66 -0.62 -4.70
CA LEU A 143 1.98 0.66 -4.93
C LEU A 143 2.71 1.57 -5.89
N GLY A 144 3.85 1.10 -6.42
CA GLY A 144 4.59 1.89 -7.40
C GLY A 144 5.96 2.41 -7.05
N MET A 145 6.44 2.18 -5.83
CA MET A 145 7.77 2.65 -5.46
C MET A 145 8.85 2.00 -6.33
N ARG A 146 9.57 2.82 -7.11
CA ARG A 146 10.64 2.30 -7.96
C ARG A 146 12.07 2.70 -7.55
N TYR A 147 12.17 3.46 -6.46
CA TYR A 147 13.45 3.82 -5.85
C TYR A 147 13.17 4.27 -4.43
N LEU A 148 14.05 3.87 -3.53
CA LEU A 148 13.91 4.25 -2.14
C LEU A 148 15.16 5.00 -1.72
N THR A 149 14.99 6.26 -1.31
CA THR A 149 16.10 7.07 -0.81
C THR A 149 16.26 6.48 0.60
N LEU A 150 17.37 5.79 0.86
CA LEU A 150 17.60 5.13 2.15
C LEU A 150 17.27 5.94 3.40
N THR A 151 17.63 7.22 3.39
CA THR A 151 17.31 8.10 4.50
C THR A 151 17.00 9.46 3.91
N HIS A 152 16.36 10.30 4.71
CA HIS A 152 16.15 11.66 4.28
C HIS A 152 17.20 12.33 5.18
N SER A 153 16.84 13.43 5.84
CA SER A 153 17.79 14.11 6.72
C SER A 153 17.67 13.71 8.19
N CYS A 154 17.64 12.39 8.42
CA CYS A 154 17.56 11.81 9.75
C CYS A 154 17.88 10.33 9.62
N ASN A 155 18.55 9.79 10.63
CA ASN A 155 18.88 8.37 10.62
C ASN A 155 17.63 7.54 10.87
N THR A 156 17.63 6.35 10.28
CA THR A 156 16.56 5.39 10.50
C THR A 156 17.29 4.43 11.45
N PRO A 157 16.61 3.39 11.94
CA PRO A 157 17.28 2.45 12.84
C PRO A 157 18.28 1.56 12.11
N TRP A 158 18.32 1.64 10.78
CA TRP A 158 19.19 0.79 9.99
C TRP A 158 20.09 1.45 8.95
N ALA A 159 20.03 2.79 8.85
CA ALA A 159 20.87 3.54 7.91
C ALA A 159 21.18 4.92 8.46
N ASP A 160 22.35 5.45 8.14
CA ASP A 160 22.80 6.77 8.61
C ASP A 160 22.64 7.86 7.56
N ASN A 161 22.16 9.03 7.97
CA ASN A 161 21.97 10.14 7.04
C ASN A 161 23.20 11.06 6.89
N TRP A 162 23.13 11.95 5.89
CA TRP A 162 24.22 12.86 5.58
C TRP A 162 24.65 13.78 6.72
N LEU A 163 23.73 14.09 7.63
CA LEU A 163 24.05 14.98 8.76
C LEU A 163 25.12 14.37 9.66
N VAL A 164 25.33 13.06 9.54
CA VAL A 164 26.35 12.40 10.34
C VAL A 164 27.70 13.00 9.96
N ASP A 165 27.88 13.26 8.66
CA ASP A 165 29.11 13.83 8.13
C ASP A 165 29.38 15.29 8.48
N THR A 166 28.34 15.97 8.96
CA THR A 166 28.47 17.36 9.36
C THR A 166 28.54 17.44 10.89
N GLY A 167 28.45 16.28 11.55
CA GLY A 167 28.51 16.22 13.00
C GLY A 167 27.17 16.39 13.70
N ASP A 168 26.15 16.83 12.98
CA ASP A 168 24.84 17.04 13.59
C ASP A 168 24.13 15.75 13.98
N SER A 169 24.47 14.64 13.34
CA SER A 169 23.89 13.34 13.66
C SER A 169 24.99 12.38 14.07
N GLU A 170 24.64 11.41 14.91
CA GLU A 170 25.58 10.40 15.37
C GLU A 170 25.54 9.25 14.37
N PRO A 171 26.69 8.60 14.14
CA PRO A 171 26.78 7.46 13.20
C PRO A 171 26.21 6.19 13.85
N GLN A 172 24.90 6.19 14.10
CA GLN A 172 24.22 5.06 14.74
C GLN A 172 24.51 3.68 14.18
N SER A 173 24.30 3.51 12.87
CA SER A 173 24.54 2.22 12.23
C SER A 173 25.92 2.14 11.56
N GLN A 174 26.66 3.24 11.56
CA GLN A 174 27.98 3.32 10.92
C GLN A 174 27.81 2.82 9.49
N GLY A 175 26.79 3.36 8.81
CA GLY A 175 26.48 2.93 7.46
C GLY A 175 25.16 2.19 7.54
N LEU A 176 25.18 0.89 7.21
CA LEU A 176 23.99 0.05 7.25
C LEU A 176 24.08 -1.04 8.33
N SER A 177 23.05 -1.17 9.15
CA SER A 177 23.00 -2.20 10.20
C SER A 177 22.70 -3.52 9.47
N PRO A 178 22.76 -4.67 10.17
CA PRO A 178 22.48 -5.95 9.52
C PRO A 178 21.09 -6.00 8.86
N PHE A 179 20.11 -5.38 9.51
CA PHE A 179 18.75 -5.32 8.97
C PHE A 179 18.78 -4.41 7.74
N GLY A 180 19.56 -3.34 7.81
CA GLY A 180 19.69 -2.41 6.69
C GLY A 180 20.27 -3.14 5.48
N GLN A 181 21.13 -4.13 5.74
CA GLN A 181 21.73 -4.93 4.68
C GLN A 181 20.65 -5.82 4.08
N ARG A 182 19.76 -6.31 4.93
CA ARG A 182 18.65 -7.14 4.45
C ARG A 182 17.71 -6.29 3.59
N VAL A 183 17.52 -5.02 3.97
CA VAL A 183 16.67 -4.11 3.21
C VAL A 183 17.26 -3.93 1.80
N VAL A 184 18.58 -3.73 1.74
CA VAL A 184 19.26 -3.57 0.46
C VAL A 184 19.08 -4.82 -0.37
N LYS A 185 19.20 -5.99 0.25
CA LYS A 185 19.02 -7.26 -0.47
C LYS A 185 17.58 -7.38 -1.02
N GLU A 186 16.61 -6.97 -0.22
CA GLU A 186 15.21 -7.02 -0.65
C GLU A 186 15.00 -6.00 -1.79
N LEU A 187 15.60 -4.82 -1.67
CA LEU A 187 15.47 -3.81 -2.73
C LEU A 187 16.02 -4.41 -4.04
N ASN A 188 17.14 -5.13 -3.98
CA ASN A 188 17.70 -5.76 -5.18
C ASN A 188 16.78 -6.85 -5.73
N ARG A 189 16.25 -7.73 -4.88
CA ARG A 189 15.37 -8.79 -5.39
C ARG A 189 14.09 -8.23 -6.00
N LEU A 190 13.58 -7.16 -5.42
CA LEU A 190 12.36 -6.55 -5.92
C LEU A 190 12.52 -5.82 -7.24
N GLY A 191 13.68 -5.20 -7.45
CA GLY A 191 13.89 -4.45 -8.68
C GLY A 191 13.64 -2.99 -8.44
N VAL A 192 14.01 -2.55 -7.23
CA VAL A 192 13.87 -1.18 -6.81
C VAL A 192 15.24 -0.53 -6.84
N LEU A 193 15.33 0.65 -7.45
CA LEU A 193 16.57 1.40 -7.52
C LEU A 193 16.91 1.92 -6.12
N ILE A 194 18.13 1.67 -5.67
CA ILE A 194 18.54 2.15 -4.36
C ILE A 194 19.03 3.60 -4.53
N ASP A 195 18.42 4.52 -3.81
CA ASP A 195 18.79 5.93 -3.91
C ASP A 195 19.68 6.38 -2.74
N LEU A 196 20.87 6.91 -3.07
CA LEU A 196 21.82 7.34 -2.05
C LEU A 196 21.85 8.83 -1.73
N ALA A 197 20.85 9.55 -2.22
CA ALA A 197 20.74 10.96 -1.89
C ALA A 197 20.45 11.01 -0.38
N HIS A 198 20.98 12.04 0.29
CA HIS A 198 20.76 12.24 1.72
C HIS A 198 21.43 11.29 2.71
N VAL A 199 22.20 10.32 2.23
CA VAL A 199 22.85 9.39 3.14
C VAL A 199 24.29 9.79 3.46
N SER A 200 24.84 9.24 4.54
CA SER A 200 26.22 9.55 4.91
C SER A 200 27.19 8.83 3.96
N VAL A 201 28.46 9.20 3.99
CA VAL A 201 29.44 8.56 3.12
C VAL A 201 29.58 7.07 3.47
N ALA A 202 29.53 6.74 4.76
CA ALA A 202 29.64 5.33 5.18
C ALA A 202 28.47 4.52 4.59
N THR A 203 27.29 5.13 4.50
CA THR A 203 26.12 4.47 3.92
C THR A 203 26.28 4.30 2.41
N MET A 204 26.84 5.31 1.74
CA MET A 204 27.06 5.25 0.28
C MET A 204 28.01 4.10 -0.02
N LYS A 205 29.13 4.06 0.69
CA LYS A 205 30.16 3.05 0.48
C LYS A 205 29.71 1.64 0.85
N ALA A 206 28.96 1.51 1.94
CA ALA A 206 28.44 0.20 2.36
C ALA A 206 27.46 -0.30 1.29
N THR A 207 26.56 0.58 0.85
CA THR A 207 25.57 0.23 -0.18
C THR A 207 26.23 -0.08 -1.52
N LEU A 208 27.26 0.68 -1.88
CA LEU A 208 27.97 0.47 -3.15
C LEU A 208 28.68 -0.88 -3.19
N GLN A 209 29.13 -1.36 -2.03
CA GLN A 209 29.79 -2.65 -2.00
C GLN A 209 28.77 -3.77 -1.95
N LEU A 210 27.71 -3.54 -1.17
CA LEU A 210 26.65 -4.52 -0.98
C LEU A 210 25.68 -4.74 -2.13
N SER A 211 25.14 -3.67 -2.69
CA SER A 211 24.19 -3.79 -3.78
C SER A 211 24.68 -4.68 -4.92
N ARG A 212 23.76 -5.50 -5.43
CA ARG A 212 24.00 -6.45 -6.51
C ARG A 212 23.61 -5.83 -7.86
N ALA A 213 23.16 -4.58 -7.80
CA ALA A 213 22.74 -3.84 -8.97
C ALA A 213 23.26 -2.41 -8.85
N PRO A 214 23.36 -1.69 -9.98
CA PRO A 214 23.83 -0.30 -9.93
C PRO A 214 22.84 0.51 -9.12
N VAL A 215 23.30 1.58 -8.49
CA VAL A 215 22.44 2.44 -7.68
C VAL A 215 22.40 3.85 -8.26
N ILE A 216 21.67 4.72 -7.60
CA ILE A 216 21.56 6.11 -8.01
C ILE A 216 21.60 7.06 -6.83
N PHE A 217 21.81 8.33 -7.17
CA PHE A 217 21.77 9.45 -6.24
C PHE A 217 20.74 10.23 -7.06
N SER A 218 19.48 10.22 -6.59
CA SER A 218 18.39 10.86 -7.34
C SER A 218 18.48 12.37 -7.44
N HIS A 219 19.18 12.98 -6.50
CA HIS A 219 19.37 14.42 -6.50
C HIS A 219 20.55 14.85 -5.59
N SER A 220 21.76 14.61 -6.08
CA SER A 220 23.00 14.93 -5.37
C SER A 220 24.02 15.46 -6.38
N SER A 221 24.85 16.40 -5.96
CA SER A 221 25.82 16.97 -6.87
C SER A 221 27.29 16.62 -6.52
N ALA A 222 28.25 17.33 -7.10
CA ALA A 222 29.68 17.07 -6.88
C ALA A 222 30.29 17.77 -5.67
N TYR A 223 30.80 16.98 -4.71
CA TYR A 223 31.41 17.52 -3.50
C TYR A 223 32.65 18.39 -3.80
N SER A 224 33.38 18.07 -4.85
CA SER A 224 34.57 18.85 -5.21
C SER A 224 34.23 20.28 -5.60
N VAL A 225 33.11 20.44 -6.30
CA VAL A 225 32.68 21.76 -6.73
C VAL A 225 32.06 22.55 -5.58
N CYS A 226 31.23 21.89 -4.76
CA CYS A 226 30.61 22.52 -3.60
C CYS A 226 30.67 21.51 -2.46
N ALA A 227 31.45 21.83 -1.44
CA ALA A 227 31.64 20.96 -0.30
C ALA A 227 30.46 20.91 0.67
N SER A 228 29.33 20.42 0.16
CA SER A 228 28.11 20.25 0.94
C SER A 228 28.04 18.74 1.15
N ARG A 229 27.76 18.29 2.37
CA ARG A 229 27.70 16.86 2.61
C ARG A 229 26.51 16.17 1.98
N ARG A 230 25.73 16.95 1.23
CA ARG A 230 24.60 16.43 0.48
C ARG A 230 25.13 16.05 -0.89
N ASN A 231 26.40 16.38 -1.15
CA ASN A 231 27.04 16.05 -2.41
C ASN A 231 27.97 14.85 -2.31
N VAL A 232 28.27 14.25 -3.46
CA VAL A 232 29.09 13.07 -3.58
C VAL A 232 30.59 13.38 -3.75
N PRO A 233 31.44 12.85 -2.83
CA PRO A 233 32.89 13.06 -2.90
C PRO A 233 33.51 12.19 -3.99
N ASP A 234 34.70 12.57 -4.46
CA ASP A 234 35.40 11.85 -5.53
C ASP A 234 35.64 10.37 -5.32
N ASP A 235 35.96 9.96 -4.10
CA ASP A 235 36.20 8.54 -3.87
C ASP A 235 34.92 7.71 -4.07
N VAL A 236 33.77 8.32 -3.77
CA VAL A 236 32.49 7.64 -3.96
C VAL A 236 32.18 7.68 -5.47
N LEU A 237 32.61 8.75 -6.14
CA LEU A 237 32.41 8.85 -7.59
C LEU A 237 33.21 7.76 -8.29
N ARG A 238 34.35 7.38 -7.74
CA ARG A 238 35.13 6.30 -8.34
C ARG A 238 34.43 4.95 -8.16
N LEU A 239 33.69 4.82 -7.06
CA LEU A 239 32.92 3.61 -6.78
C LEU A 239 31.72 3.60 -7.71
N VAL A 240 31.17 4.79 -7.97
CA VAL A 240 30.05 4.93 -8.90
C VAL A 240 30.49 4.47 -10.29
N LYS A 241 31.72 4.83 -10.68
CA LYS A 241 32.23 4.43 -11.99
C LYS A 241 32.37 2.93 -12.05
N GLN A 242 32.96 2.38 -11.00
CA GLN A 242 33.20 0.95 -10.88
C GLN A 242 31.91 0.12 -11.00
N THR A 243 30.83 0.61 -10.39
CA THR A 243 29.56 -0.10 -10.39
C THR A 243 28.60 0.26 -11.53
N ASP A 244 29.00 1.22 -12.36
CA ASP A 244 28.18 1.68 -13.49
C ASP A 244 26.90 2.30 -12.94
N SER A 245 27.05 2.98 -11.80
CA SER A 245 25.94 3.65 -11.13
C SER A 245 25.61 5.03 -11.70
N LEU A 246 24.75 5.77 -11.02
CA LEU A 246 24.32 7.05 -11.56
C LEU A 246 24.11 8.13 -10.53
N VAL A 247 24.64 9.32 -10.84
CA VAL A 247 24.52 10.50 -9.98
C VAL A 247 23.68 11.51 -10.73
N MET A 248 22.48 11.76 -10.22
CA MET A 248 21.55 12.71 -10.83
C MET A 248 21.66 14.05 -10.13
N VAL A 249 22.22 15.01 -10.86
CA VAL A 249 22.51 16.36 -10.38
C VAL A 249 21.37 17.23 -9.87
N ASN A 250 21.51 17.64 -8.62
CA ASN A 250 20.58 18.50 -7.89
C ASN A 250 20.86 19.96 -8.27
N PHE A 251 19.81 20.76 -8.53
CA PHE A 251 20.00 22.16 -8.92
C PHE A 251 19.99 23.17 -7.78
N TYR A 252 19.81 22.72 -6.54
CA TYR A 252 19.79 23.64 -5.39
C TYR A 252 21.07 24.50 -5.33
N ASN A 253 20.88 25.81 -5.30
CA ASN A 253 21.99 26.80 -5.25
C ASN A 253 23.06 26.48 -4.21
N ASN A 254 22.62 26.23 -2.98
CA ASN A 254 23.54 25.95 -1.89
C ASN A 254 24.32 24.64 -2.02
N TYR A 255 23.93 23.79 -2.95
CA TYR A 255 24.65 22.54 -3.20
C TYR A 255 25.48 22.68 -4.48
N ILE A 256 25.17 23.73 -5.23
CA ILE A 256 25.83 24.03 -6.51
C ILE A 256 26.99 25.03 -6.31
N SER A 257 26.64 26.23 -5.87
CA SER A 257 27.62 27.29 -5.62
C SER A 257 28.07 27.33 -4.17
N CYS A 258 27.40 26.54 -3.32
CA CYS A 258 27.66 26.50 -1.88
C CYS A 258 27.25 27.82 -1.22
N THR A 259 26.34 28.53 -1.90
CA THR A 259 25.82 29.80 -1.40
C THR A 259 24.42 30.01 -2.00
N ASN A 260 23.68 30.98 -1.46
CA ASN A 260 22.31 31.28 -1.92
C ASN A 260 22.18 31.60 -3.41
N LYS A 261 23.18 32.29 -3.94
CA LYS A 261 23.18 32.68 -5.34
C LYS A 261 23.93 31.70 -6.21
N ALA A 262 23.30 31.26 -7.29
CA ALA A 262 23.92 30.33 -8.23
C ALA A 262 23.36 30.49 -9.64
N ASN A 263 24.07 29.94 -10.62
CA ASN A 263 23.60 30.04 -11.99
C ASN A 263 23.77 28.75 -12.77
N LEU A 264 23.15 28.69 -13.94
CA LEU A 264 23.19 27.53 -14.80
C LEU A 264 24.60 27.03 -15.14
N SER A 265 25.52 27.98 -15.35
CA SER A 265 26.89 27.63 -15.69
C SER A 265 27.54 26.79 -14.60
N GLN A 266 27.23 27.11 -13.34
CA GLN A 266 27.78 26.39 -12.21
C GLN A 266 27.25 24.96 -12.10
N VAL A 267 25.99 24.75 -12.48
CA VAL A 267 25.39 23.41 -12.49
C VAL A 267 26.15 22.62 -13.56
N ALA A 268 26.40 23.25 -14.70
CA ALA A 268 27.15 22.60 -15.77
C ALA A 268 28.56 22.24 -15.28
N ASP A 269 29.09 23.00 -14.32
CA ASP A 269 30.41 22.72 -13.76
C ASP A 269 30.35 21.40 -12.98
N HIS A 270 29.22 21.19 -12.30
CA HIS A 270 29.02 19.96 -11.54
C HIS A 270 28.90 18.76 -12.49
N LEU A 271 28.11 18.91 -13.54
CA LEU A 271 27.93 17.85 -14.53
C LEU A 271 29.27 17.47 -15.13
N ASP A 272 30.07 18.48 -15.45
CA ASP A 272 31.40 18.29 -16.01
C ASP A 272 32.26 17.45 -15.09
N HIS A 273 32.29 17.81 -13.81
CA HIS A 273 33.09 17.09 -12.83
C HIS A 273 32.69 15.63 -12.69
N ILE A 274 31.39 15.39 -12.54
CA ILE A 274 30.88 14.03 -12.40
C ILE A 274 31.26 13.24 -13.63
N LYS A 275 31.13 13.85 -14.80
CA LYS A 275 31.49 13.19 -16.06
C LYS A 275 32.99 12.84 -16.01
N GLU A 276 33.80 13.76 -15.51
CA GLU A 276 35.24 13.50 -15.43
C GLU A 276 35.59 12.34 -14.50
N VAL A 277 35.12 12.40 -13.26
CA VAL A 277 35.43 11.39 -12.25
C VAL A 277 34.62 10.09 -12.30
N ALA A 278 33.32 10.20 -12.48
CA ALA A 278 32.48 9.01 -12.51
C ALA A 278 32.26 8.43 -13.90
N GLY A 279 32.59 9.22 -14.93
CA GLY A 279 32.39 8.77 -16.30
C GLY A 279 31.12 9.38 -16.87
N ALA A 280 31.02 9.40 -18.20
CA ALA A 280 29.86 9.98 -18.88
C ALA A 280 28.55 9.19 -18.67
N ARG A 281 28.67 7.89 -18.43
CA ARG A 281 27.47 7.09 -18.21
C ARG A 281 26.95 7.10 -16.78
N ALA A 282 27.56 7.94 -15.94
CA ALA A 282 27.17 8.08 -14.54
C ALA A 282 26.52 9.44 -14.26
N VAL A 283 26.15 10.17 -15.29
CA VAL A 283 25.55 11.48 -15.12
C VAL A 283 24.09 11.57 -15.56
N GLY A 284 23.31 12.34 -14.81
CA GLY A 284 21.90 12.53 -15.11
C GLY A 284 21.42 13.77 -14.38
N PHE A 285 20.11 13.98 -14.39
CA PHE A 285 19.52 15.15 -13.74
C PHE A 285 18.51 14.76 -12.66
N GLY A 286 18.58 15.48 -11.55
CA GLY A 286 17.69 15.28 -10.41
C GLY A 286 17.64 16.66 -9.77
N GLY A 287 17.06 17.61 -10.51
CA GLY A 287 16.94 19.00 -10.11
C GLY A 287 16.50 19.39 -8.72
N ASP A 288 15.63 18.60 -8.13
CA ASP A 288 15.08 18.89 -6.80
C ASP A 288 14.11 20.08 -6.86
N PHE A 289 13.51 20.30 -8.04
CA PHE A 289 12.53 21.38 -8.22
C PHE A 289 11.35 21.10 -7.30
N ASP A 290 10.80 22.17 -6.73
CA ASP A 290 9.67 22.12 -5.80
C ASP A 290 10.02 21.48 -4.45
N GLY A 291 11.30 21.23 -4.25
CA GLY A 291 11.79 20.69 -3.01
C GLY A 291 12.82 21.63 -2.42
N VAL A 292 13.17 22.69 -3.15
CA VAL A 292 14.17 23.66 -2.69
C VAL A 292 13.66 25.09 -2.79
N PRO A 293 14.21 25.99 -1.93
CA PRO A 293 13.82 27.40 -1.94
C PRO A 293 14.59 28.26 -2.95
N ARG A 294 15.71 27.76 -3.43
CA ARG A 294 16.56 28.51 -4.37
C ARG A 294 17.05 27.68 -5.54
N VAL A 295 16.75 28.14 -6.76
CA VAL A 295 17.19 27.48 -7.99
C VAL A 295 18.04 28.49 -8.75
N PRO A 296 19.01 28.00 -9.56
CA PRO A 296 19.90 28.86 -10.33
C PRO A 296 19.27 29.81 -11.36
N GLU A 297 19.98 30.90 -11.61
CA GLU A 297 19.59 31.88 -12.60
C GLU A 297 19.73 31.09 -13.89
N GLY A 298 18.68 31.10 -14.70
CA GLY A 298 18.72 30.36 -15.94
C GLY A 298 18.05 29.00 -15.79
N LEU A 299 17.81 28.60 -14.54
CA LEU A 299 17.15 27.32 -14.24
C LEU A 299 16.04 27.57 -13.23
N GLU A 300 15.23 28.59 -13.50
CA GLU A 300 14.14 29.01 -12.65
C GLU A 300 13.05 27.96 -12.41
N ASP A 301 12.77 27.17 -13.43
CA ASP A 301 11.75 26.14 -13.31
C ASP A 301 12.03 24.98 -14.25
N VAL A 302 11.07 24.05 -14.31
CA VAL A 302 11.19 22.85 -15.13
C VAL A 302 11.20 23.06 -16.64
N SER A 303 10.98 24.29 -17.11
CA SER A 303 11.00 24.54 -18.53
C SER A 303 12.40 24.88 -19.04
N LYS A 304 13.34 25.01 -18.12
CA LYS A 304 14.71 25.41 -18.44
C LYS A 304 15.76 24.37 -18.86
N TYR A 305 15.43 23.09 -18.79
CA TYR A 305 16.39 22.02 -19.15
C TYR A 305 17.10 22.22 -20.49
N PRO A 306 16.37 22.63 -21.56
CA PRO A 306 17.02 22.82 -22.88
C PRO A 306 18.21 23.77 -22.88
N ASP A 307 18.17 24.77 -22.00
CA ASP A 307 19.26 25.72 -21.89
C ASP A 307 20.48 25.09 -21.24
N LEU A 308 20.24 24.17 -20.31
CA LEU A 308 21.32 23.48 -19.65
C LEU A 308 21.95 22.51 -20.64
N ILE A 309 21.12 21.88 -21.47
CA ILE A 309 21.62 20.93 -22.47
C ILE A 309 22.44 21.68 -23.54
N ALA A 310 21.97 22.88 -23.88
CA ALA A 310 22.65 23.73 -24.85
C ALA A 310 24.05 24.05 -24.35
N GLU A 311 24.16 24.35 -23.05
CA GLU A 311 25.45 24.67 -22.43
C GLU A 311 26.42 23.50 -22.46
N LEU A 312 25.91 22.29 -22.21
CA LEU A 312 26.74 21.10 -22.25
C LEU A 312 27.23 20.86 -23.67
N LEU A 313 26.37 21.07 -24.66
CA LEU A 313 26.76 20.90 -26.06
C LEU A 313 27.85 21.93 -26.39
N ARG A 314 27.66 23.16 -25.92
CA ARG A 314 28.60 24.27 -26.11
C ARG A 314 29.97 23.87 -25.54
N ARG A 315 29.94 23.18 -24.40
CA ARG A 315 31.14 22.71 -23.71
C ARG A 315 31.72 21.44 -24.35
N ASN A 316 31.19 21.09 -25.52
CA ASN A 316 31.64 19.93 -26.27
C ASN A 316 31.23 18.53 -25.78
N TRP A 317 30.08 18.44 -25.10
CA TRP A 317 29.56 17.13 -24.70
C TRP A 317 29.02 16.62 -26.02
N THR A 318 29.28 15.36 -26.35
CA THR A 318 28.77 14.81 -27.61
C THR A 318 27.28 14.54 -27.50
N GLU A 319 26.64 14.24 -28.62
CA GLU A 319 25.21 13.93 -28.62
C GLU A 319 24.93 12.67 -27.79
N ALA A 320 25.79 11.66 -27.92
CA ALA A 320 25.66 10.43 -27.15
C ALA A 320 25.77 10.71 -25.66
N GLU A 321 26.67 11.62 -25.29
CA GLU A 321 26.86 11.98 -23.90
C GLU A 321 25.67 12.71 -23.28
N VAL A 322 25.07 13.64 -24.03
CA VAL A 322 23.91 14.37 -23.48
C VAL A 322 22.67 13.47 -23.45
N LYS A 323 22.55 12.57 -24.44
CA LYS A 323 21.40 11.65 -24.48
C LYS A 323 21.52 10.72 -23.28
N GLY A 324 22.77 10.43 -22.88
CA GLY A 324 23.01 9.59 -21.72
C GLY A 324 22.56 10.35 -20.49
N ALA A 325 22.99 11.61 -20.37
CA ALA A 325 22.62 12.46 -19.24
C ALA A 325 21.10 12.67 -19.18
N LEU A 326 20.49 12.92 -20.33
CA LEU A 326 19.03 13.14 -20.44
C LEU A 326 18.16 11.94 -20.02
N ALA A 327 18.35 10.82 -20.68
CA ALA A 327 17.54 9.65 -20.43
C ALA A 327 18.26 8.30 -20.39
N ASP A 328 19.16 8.07 -21.33
CA ASP A 328 19.83 6.78 -21.44
C ASP A 328 20.59 6.18 -20.28
N ASN A 329 21.18 7.00 -19.42
CA ASN A 329 21.89 6.45 -18.28
C ASN A 329 20.88 5.91 -17.25
N LEU A 330 19.84 6.69 -16.98
CA LEU A 330 18.81 6.24 -16.05
C LEU A 330 18.20 4.95 -16.62
N LEU A 331 17.92 4.93 -17.93
CA LEU A 331 17.34 3.74 -18.54
C LEU A 331 18.26 2.53 -18.41
N ARG A 332 19.57 2.75 -18.55
CA ARG A 332 20.53 1.65 -18.42
C ARG A 332 20.48 1.12 -17.00
N VAL A 333 20.59 2.03 -16.03
CA VAL A 333 20.57 1.63 -14.63
C VAL A 333 19.25 0.92 -14.28
N PHE A 334 18.12 1.45 -14.76
CA PHE A 334 16.80 0.87 -14.49
C PHE A 334 16.75 -0.57 -15.01
N GLU A 335 17.13 -0.77 -16.27
CA GLU A 335 17.14 -2.10 -16.89
C GLU A 335 18.00 -3.10 -16.10
N ALA A 336 19.13 -2.63 -15.58
CA ALA A 336 20.04 -3.46 -14.80
C ALA A 336 19.40 -3.86 -13.47
N VAL A 337 18.73 -2.91 -12.83
CA VAL A 337 18.05 -3.14 -11.57
C VAL A 337 16.92 -4.16 -11.82
N GLU A 338 16.25 -4.02 -12.97
CA GLU A 338 15.18 -4.94 -13.34
C GLU A 338 15.74 -6.32 -13.63
N GLN A 339 16.89 -6.39 -14.28
CA GLN A 339 17.49 -7.68 -14.59
C GLN A 339 18.06 -8.36 -13.35
N ALA A 340 18.42 -7.57 -12.34
CA ALA A 340 18.97 -8.12 -11.10
C ALA A 340 17.88 -8.60 -10.14
N SER A 341 16.64 -8.22 -10.39
CA SER A 341 15.53 -8.65 -9.54
C SER A 341 15.28 -10.15 -9.75
N ASN A 342 14.63 -10.79 -8.78
CA ASN A 342 14.32 -12.22 -8.84
C ASN A 342 12.94 -12.47 -8.23
N LEU A 343 11.95 -12.76 -9.07
CA LEU A 343 10.58 -13.00 -8.62
C LEU A 343 10.40 -14.32 -7.86
N THR A 344 11.25 -15.28 -8.17
CA THR A 344 11.21 -16.60 -7.55
C THR A 344 11.97 -16.67 -6.22
N GLN A 345 12.89 -15.74 -6.00
CA GLN A 345 13.66 -15.70 -4.76
C GLN A 345 12.69 -15.40 -3.62
N ALA A 346 12.80 -16.17 -2.54
CA ALA A 346 11.95 -15.99 -1.37
C ALA A 346 12.22 -14.62 -0.77
N PRO A 347 11.15 -13.87 -0.45
CA PRO A 347 11.26 -12.52 0.14
C PRO A 347 11.97 -12.51 1.47
N GLU A 348 12.68 -11.42 1.76
CA GLU A 348 13.36 -11.29 3.04
C GLU A 348 12.28 -11.15 4.11
N GLU A 349 12.36 -11.97 5.15
CA GLU A 349 11.37 -11.93 6.20
C GLU A 349 11.93 -11.91 7.61
N GLU A 350 13.25 -11.79 7.76
CA GLU A 350 13.82 -11.71 9.09
C GLU A 350 13.66 -10.24 9.51
N PRO A 351 12.72 -9.99 10.44
CA PRO A 351 12.44 -8.64 10.92
C PRO A 351 13.60 -7.99 11.66
N ILE A 352 13.50 -6.68 11.82
CA ILE A 352 14.50 -5.91 12.56
C ILE A 352 14.35 -6.34 14.02
N PRO A 353 15.48 -6.46 14.75
CA PRO A 353 15.40 -6.86 16.16
C PRO A 353 14.56 -5.83 16.93
N LEU A 354 13.64 -6.34 17.74
CA LEU A 354 12.75 -5.48 18.53
C LEU A 354 13.43 -4.31 19.24
N ASP A 355 14.59 -4.58 19.84
CA ASP A 355 15.33 -3.55 20.59
C ASP A 355 15.87 -2.42 19.70
N GLN A 356 15.84 -2.61 18.38
CA GLN A 356 16.31 -1.59 17.46
C GLN A 356 15.20 -0.64 17.00
N LEU A 357 13.96 -0.95 17.35
CA LEU A 357 12.83 -0.09 17.01
C LEU A 357 12.69 1.02 18.05
N GLY A 358 12.42 2.25 17.60
CA GLY A 358 12.29 3.37 18.51
C GLY A 358 10.92 4.01 18.53
N GLY A 359 10.80 5.13 19.25
CA GLY A 359 9.53 5.82 19.34
C GLY A 359 8.54 5.16 20.30
N SER A 360 7.39 5.81 20.47
CA SER A 360 6.35 5.31 21.38
C SER A 360 5.00 5.26 20.65
N CYS A 361 5.03 4.91 19.37
CA CYS A 361 3.83 4.88 18.56
C CYS A 361 3.65 3.55 17.87
N ARG A 362 4.01 2.48 18.57
CA ARG A 362 3.90 1.15 17.99
C ARG A 362 3.55 0.12 19.04
N THR A 363 3.22 -1.08 18.55
CA THR A 363 2.89 -2.21 19.40
C THR A 363 3.87 -3.32 19.01
N HIS A 364 4.07 -4.29 19.89
CA HIS A 364 5.05 -5.33 19.62
C HIS A 364 4.57 -6.73 19.25
N TYR A 365 3.45 -6.81 18.55
CA TYR A 365 2.89 -8.07 18.10
C TYR A 365 3.86 -8.79 17.17
N GLY A 366 3.88 -10.11 17.25
CA GLY A 366 4.77 -10.90 16.40
C GLY A 366 6.04 -11.23 17.15
N TYR A 367 6.47 -10.33 18.02
CA TYR A 367 7.66 -10.52 18.82
C TYR A 367 7.27 -10.97 20.22
N SER A 368 6.47 -10.09 20.86
CA SER A 368 5.96 -10.21 22.24
C SER A 368 6.92 -9.47 23.19
N SER A 369 6.68 -8.17 23.37
CA SER A 369 7.52 -7.33 24.23
C SER A 369 7.05 -5.87 24.31
N ASP B 1 -23.06 -40.99 5.09
CA ASP B 1 -24.50 -40.58 5.13
C ASP B 1 -24.92 -39.98 3.78
N PHE B 2 -26.21 -40.06 3.46
CA PHE B 2 -26.75 -39.53 2.21
C PHE B 2 -26.59 -38.02 2.10
N PHE B 3 -26.80 -37.33 3.21
CA PHE B 3 -26.69 -35.89 3.25
C PHE B 3 -25.25 -35.39 3.05
N ARG B 4 -24.29 -36.09 3.66
CA ARG B 4 -22.87 -35.75 3.53
C ARG B 4 -22.47 -35.94 2.06
N ASP B 5 -22.94 -37.02 1.45
CA ASP B 5 -22.65 -37.32 0.04
C ASP B 5 -23.24 -36.28 -0.89
N GLU B 6 -24.45 -35.82 -0.56
CA GLU B 6 -25.12 -34.79 -1.36
C GLU B 6 -24.40 -33.46 -1.15
N ALA B 7 -23.95 -33.23 0.09
CA ALA B 7 -23.23 -32.02 0.43
C ALA B 7 -21.96 -31.95 -0.41
N GLU B 8 -21.21 -33.03 -0.44
CA GLU B 8 -19.98 -33.09 -1.21
C GLU B 8 -20.27 -32.94 -2.70
N ARG B 9 -21.34 -33.59 -3.16
CA ARG B 9 -21.72 -33.53 -4.57
C ARG B 9 -21.94 -32.06 -4.96
N ILE B 10 -22.73 -31.36 -4.14
CA ILE B 10 -23.05 -29.96 -4.37
C ILE B 10 -21.83 -29.05 -4.19
N MET B 11 -21.00 -29.35 -3.20
CA MET B 11 -19.82 -28.53 -2.94
C MET B 11 -18.73 -28.63 -3.99
N ARG B 12 -18.83 -29.65 -4.84
CA ARG B 12 -17.86 -29.80 -5.90
C ARG B 12 -18.22 -28.83 -7.01
N ASP B 13 -19.49 -28.43 -7.07
CA ASP B 13 -19.96 -27.47 -8.05
C ASP B 13 -20.01 -26.06 -7.46
N SER B 14 -20.29 -26.00 -6.16
CA SER B 14 -20.37 -24.73 -5.44
C SER B 14 -19.56 -24.80 -4.16
N PRO B 15 -18.22 -24.66 -4.25
CA PRO B 15 -17.34 -24.70 -3.09
C PRO B 15 -17.72 -23.59 -2.14
N VAL B 16 -17.43 -23.74 -0.86
CA VAL B 16 -17.77 -22.70 0.09
C VAL B 16 -16.80 -21.51 0.01
N ILE B 17 -17.36 -20.32 0.08
CA ILE B 17 -16.57 -19.10 0.10
C ILE B 17 -16.80 -18.57 1.49
N ASP B 18 -15.77 -18.65 2.33
CA ASP B 18 -15.92 -18.15 3.68
C ASP B 18 -15.58 -16.67 3.73
N GLY B 19 -16.35 -15.91 4.52
CA GLY B 19 -16.13 -14.48 4.61
C GLY B 19 -15.12 -13.96 5.60
N HIS B 20 -14.59 -14.82 6.47
CA HIS B 20 -13.63 -14.34 7.48
C HIS B 20 -12.82 -15.40 8.21
N ASN B 21 -11.53 -15.47 7.92
CA ASN B 21 -10.61 -16.42 8.57
C ASN B 21 -9.41 -15.60 9.02
N ASP B 22 -9.05 -15.72 10.29
CA ASP B 22 -7.90 -14.96 10.81
C ASP B 22 -6.60 -15.71 10.82
N LEU B 23 -6.35 -16.54 9.81
CA LEU B 23 -5.08 -17.27 9.75
C LEU B 23 -3.89 -16.29 9.75
N PRO B 24 -3.96 -15.20 8.94
CA PRO B 24 -2.84 -14.24 8.91
C PRO B 24 -2.42 -13.78 10.30
N TRP B 25 -3.41 -13.54 11.16
CA TRP B 25 -3.18 -13.12 12.53
C TRP B 25 -2.37 -14.15 13.32
N GLN B 26 -2.66 -15.43 13.09
CA GLN B 26 -1.93 -16.52 13.75
C GLN B 26 -0.49 -16.58 13.26
N LEU B 27 -0.31 -16.37 11.96
CA LEU B 27 1.02 -16.39 11.34
C LEU B 27 1.89 -15.30 11.96
N LEU B 28 1.28 -14.16 12.25
CA LEU B 28 1.97 -13.05 12.88
C LEU B 28 2.29 -13.39 14.33
N ASP B 29 1.25 -13.82 15.05
CA ASP B 29 1.38 -14.16 16.46
C ASP B 29 2.28 -15.35 16.74
N MET B 30 2.19 -16.38 15.91
CA MET B 30 2.99 -17.57 16.10
C MET B 30 4.40 -17.56 15.51
N PHE B 31 4.60 -16.90 14.38
CA PHE B 31 5.91 -16.90 13.72
C PHE B 31 6.46 -15.53 13.28
N ASN B 32 5.79 -14.45 13.65
CA ASN B 32 6.19 -13.09 13.27
C ASN B 32 6.22 -12.99 11.75
N ASN B 33 5.25 -13.65 11.13
CA ASN B 33 5.09 -13.70 9.67
C ASN B 33 6.25 -14.32 8.88
N ARG B 34 7.03 -15.18 9.54
CA ARG B 34 8.14 -15.85 8.89
C ARG B 34 7.60 -17.17 8.31
N LEU B 35 7.12 -17.08 7.07
CA LEU B 35 6.53 -18.21 6.36
C LEU B 35 7.51 -19.33 6.01
N GLN B 36 8.80 -19.02 6.09
CA GLN B 36 9.84 -20.01 5.80
C GLN B 36 10.12 -20.90 6.98
N ASP B 37 9.70 -20.46 8.16
CA ASP B 37 9.84 -21.24 9.39
C ASP B 37 9.16 -22.58 9.03
N GLU B 38 9.87 -23.69 9.18
CA GLU B 38 9.28 -24.98 8.82
C GLU B 38 8.05 -25.35 9.63
N ARG B 39 7.93 -24.75 10.82
CA ARG B 39 6.80 -24.95 11.69
C ARG B 39 5.58 -24.22 11.10
N ALA B 40 5.83 -23.30 10.18
CA ALA B 40 4.81 -22.51 9.51
C ALA B 40 4.40 -23.06 8.14
N ASN B 41 4.95 -24.22 7.77
CA ASN B 41 4.61 -24.84 6.49
C ASN B 41 3.09 -25.10 6.50
N LEU B 42 2.38 -24.57 5.51
CA LEU B 42 0.93 -24.70 5.46
C LEU B 42 0.34 -26.04 5.10
N THR B 43 1.17 -26.96 4.61
CA THR B 43 0.69 -28.29 4.26
C THR B 43 0.65 -29.14 5.52
N THR B 44 1.45 -28.76 6.51
CA THR B 44 1.54 -29.51 7.76
C THR B 44 1.19 -28.73 9.02
N LEU B 45 0.91 -27.43 8.89
CA LEU B 45 0.58 -26.57 10.02
C LEU B 45 -0.40 -27.18 11.04
N ALA B 46 0.02 -27.20 12.30
CA ALA B 46 -0.78 -27.74 13.40
C ALA B 46 -1.08 -26.63 14.40
N GLY B 47 -2.06 -26.85 15.26
CA GLY B 47 -2.41 -25.86 16.27
C GLY B 47 -3.33 -24.75 15.81
N THR B 48 -3.80 -24.81 14.56
CA THR B 48 -4.72 -23.80 14.03
C THR B 48 -5.94 -24.50 13.45
N HIS B 49 -7.00 -23.74 13.20
CA HIS B 49 -8.21 -24.29 12.59
C HIS B 49 -8.02 -24.43 11.09
N THR B 50 -6.98 -23.76 10.57
CA THR B 50 -6.72 -23.73 9.14
C THR B 50 -5.34 -24.16 8.66
N ASN B 51 -5.34 -24.97 7.60
CA ASN B 51 -4.12 -25.39 6.92
C ASN B 51 -4.57 -25.88 5.55
N ILE B 52 -3.64 -26.19 4.66
CA ILE B 52 -4.02 -26.63 3.32
C ILE B 52 -4.88 -27.90 3.26
N PRO B 53 -4.42 -29.03 3.85
CA PRO B 53 -5.24 -30.25 3.81
C PRO B 53 -6.64 -30.09 4.43
N LYS B 54 -6.75 -29.29 5.48
CA LYS B 54 -8.04 -29.06 6.11
C LYS B 54 -8.96 -28.28 5.17
N LEU B 55 -8.39 -27.29 4.47
CA LEU B 55 -9.17 -26.49 3.53
C LEU B 55 -9.73 -27.37 2.42
N ARG B 56 -8.90 -28.27 1.91
CA ARG B 56 -9.30 -29.17 0.84
C ARG B 56 -10.38 -30.16 1.27
N ALA B 57 -10.28 -30.64 2.50
CA ALA B 57 -11.22 -31.59 3.06
C ALA B 57 -12.59 -30.96 3.33
N GLY B 58 -12.60 -29.64 3.58
CA GLY B 58 -13.85 -28.94 3.84
C GLY B 58 -14.50 -28.34 2.60
N PHE B 59 -13.94 -28.65 1.43
CA PHE B 59 -14.44 -28.16 0.15
C PHE B 59 -14.51 -26.64 0.08
N VAL B 60 -13.52 -25.99 0.68
CA VAL B 60 -13.43 -24.53 0.68
C VAL B 60 -12.81 -24.08 -0.65
N GLY B 61 -13.58 -23.32 -1.43
CA GLY B 61 -13.10 -22.83 -2.71
C GLY B 61 -12.78 -21.36 -2.76
N GLY B 62 -13.23 -20.62 -1.76
CA GLY B 62 -12.98 -19.19 -1.73
C GLY B 62 -12.81 -18.76 -0.29
N GLN B 63 -11.89 -17.84 -0.05
CA GLN B 63 -11.67 -17.37 1.31
C GLN B 63 -11.24 -15.93 1.39
N PHE B 64 -11.96 -15.15 2.20
CA PHE B 64 -11.58 -13.77 2.45
C PHE B 64 -10.69 -13.87 3.68
N TRP B 65 -9.39 -13.72 3.45
CA TRP B 65 -8.42 -13.78 4.54
C TRP B 65 -8.43 -12.44 5.25
N SER B 66 -8.60 -12.49 6.56
CA SER B 66 -8.63 -11.28 7.37
C SER B 66 -7.26 -10.69 7.62
N VAL B 67 -7.18 -9.39 7.35
CA VAL B 67 -6.00 -8.56 7.54
C VAL B 67 -6.45 -7.73 8.74
N TYR B 68 -6.09 -8.23 9.91
CA TYR B 68 -6.48 -7.62 11.16
C TYR B 68 -5.33 -7.15 12.03
N THR B 69 -5.48 -5.93 12.53
CA THR B 69 -4.52 -5.32 13.44
C THR B 69 -5.39 -4.92 14.64
N PRO B 70 -4.97 -5.25 15.87
CA PRO B 70 -5.73 -4.93 17.09
C PRO B 70 -6.09 -3.48 17.29
N CYS B 71 -7.17 -3.25 18.04
CA CYS B 71 -7.65 -1.91 18.35
C CYS B 71 -6.62 -1.00 19.01
N ASP B 72 -5.72 -1.57 19.81
CA ASP B 72 -4.69 -0.75 20.46
C ASP B 72 -3.60 -0.27 19.50
N THR B 73 -3.73 -0.62 18.22
CA THR B 73 -2.75 -0.17 17.23
C THR B 73 -3.28 1.12 16.61
N GLN B 74 -4.57 1.41 16.84
CA GLN B 74 -5.19 2.63 16.33
C GLN B 74 -4.42 3.81 16.93
N ASN B 75 -4.11 4.80 16.09
CA ASN B 75 -3.33 5.99 16.50
C ASN B 75 -1.90 5.63 16.92
N LYS B 76 -1.45 4.47 16.47
CA LYS B 76 -0.10 3.97 16.72
C LYS B 76 0.47 3.41 15.42
N ASP B 77 0.60 2.08 15.33
CA ASP B 77 1.14 1.46 14.13
C ASP B 77 0.14 0.63 13.30
N ALA B 78 -1.14 1.01 13.35
CA ALA B 78 -2.20 0.31 12.62
C ALA B 78 -1.96 0.21 11.11
N VAL B 79 -1.53 1.31 10.49
CA VAL B 79 -1.28 1.31 9.06
C VAL B 79 -0.10 0.40 8.72
N ARG B 80 0.99 0.50 9.48
CA ARG B 80 2.17 -0.35 9.26
C ARG B 80 1.79 -1.84 9.34
N ARG B 81 1.12 -2.22 10.42
CA ARG B 81 0.73 -3.62 10.60
C ARG B 81 -0.31 -4.13 9.60
N THR B 82 -1.17 -3.24 9.10
CA THR B 82 -2.16 -3.64 8.10
C THR B 82 -1.43 -4.02 6.81
N LEU B 83 -0.40 -3.23 6.47
CA LEU B 83 0.42 -3.50 5.28
C LEU B 83 1.15 -4.82 5.43
N GLU B 84 1.73 -5.06 6.60
CA GLU B 84 2.43 -6.32 6.86
C GLU B 84 1.49 -7.50 6.79
N GLN B 85 0.25 -7.33 7.26
CA GLN B 85 -0.72 -8.42 7.22
C GLN B 85 -1.17 -8.71 5.79
N MET B 86 -1.38 -7.67 4.99
CA MET B 86 -1.76 -7.86 3.59
C MET B 86 -0.57 -8.53 2.89
N ASP B 87 0.64 -8.12 3.27
CA ASP B 87 1.85 -8.69 2.71
C ASP B 87 1.93 -10.19 2.98
N VAL B 88 1.64 -10.61 4.22
CA VAL B 88 1.69 -12.04 4.53
C VAL B 88 0.70 -12.84 3.68
N VAL B 89 -0.44 -12.22 3.33
CA VAL B 89 -1.42 -12.90 2.50
C VAL B 89 -0.87 -13.01 1.07
N HIS B 90 -0.25 -11.93 0.58
CA HIS B 90 0.31 -11.95 -0.77
C HIS B 90 1.36 -13.06 -0.87
N ARG B 91 2.25 -13.13 0.11
CA ARG B 91 3.33 -14.14 0.12
C ARG B 91 2.84 -15.57 0.25
N MET B 92 1.75 -15.75 1.00
CA MET B 92 1.13 -17.05 1.21
C MET B 92 0.65 -17.61 -0.14
N CYS B 93 0.00 -16.76 -0.93
CA CYS B 93 -0.50 -17.15 -2.24
C CYS B 93 0.63 -17.51 -3.20
N ARG B 94 1.72 -16.74 -3.14
CA ARG B 94 2.86 -17.00 -3.99
C ARG B 94 3.64 -18.22 -3.51
N MET B 95 3.64 -18.46 -2.20
CA MET B 95 4.34 -19.61 -1.63
C MET B 95 3.63 -20.96 -1.88
N TYR B 96 2.30 -20.95 -1.96
CA TYR B 96 1.51 -22.17 -2.20
C TYR B 96 0.58 -21.95 -3.39
N PRO B 97 1.15 -21.74 -4.59
CA PRO B 97 0.45 -21.49 -5.84
C PRO B 97 -0.38 -22.66 -6.34
N GLU B 98 -0.02 -23.86 -5.90
CA GLU B 98 -0.74 -25.06 -6.28
C GLU B 98 -2.07 -25.08 -5.50
N THR B 99 -2.15 -24.30 -4.44
CA THR B 99 -3.35 -24.24 -3.59
C THR B 99 -4.12 -22.94 -3.72
N PHE B 100 -3.45 -21.82 -3.46
CA PHE B 100 -4.09 -20.51 -3.50
C PHE B 100 -3.98 -19.74 -4.79
N LEU B 101 -5.09 -19.08 -5.15
CA LEU B 101 -5.15 -18.21 -6.31
C LEU B 101 -5.60 -16.86 -5.76
N TYR B 102 -4.65 -15.93 -5.62
CA TYR B 102 -4.94 -14.60 -5.12
C TYR B 102 -5.87 -13.91 -6.10
N VAL B 103 -7.01 -13.45 -5.61
CA VAL B 103 -7.96 -12.76 -6.47
C VAL B 103 -8.53 -11.52 -5.81
N THR B 104 -9.09 -10.64 -6.62
CA THR B 104 -9.65 -9.39 -6.14
C THR B 104 -10.99 -9.08 -6.80
N SER B 105 -11.62 -10.06 -7.41
CA SER B 105 -12.90 -9.82 -8.08
C SER B 105 -13.78 -11.05 -8.11
N SER B 106 -15.06 -10.87 -8.44
CA SER B 106 -16.01 -11.98 -8.51
C SER B 106 -15.63 -12.92 -9.67
N ALA B 107 -15.25 -12.33 -10.81
CA ALA B 107 -14.81 -13.11 -11.96
C ALA B 107 -13.61 -13.97 -11.55
N GLY B 108 -12.73 -13.39 -10.74
CA GLY B 108 -11.55 -14.08 -10.25
C GLY B 108 -11.88 -15.28 -9.36
N ILE B 109 -12.89 -15.16 -8.50
CA ILE B 109 -13.28 -16.29 -7.64
C ILE B 109 -13.75 -17.42 -8.55
N ARG B 110 -14.55 -17.06 -9.56
CA ARG B 110 -15.08 -18.03 -10.51
C ARG B 110 -13.98 -18.78 -11.27
N GLN B 111 -12.92 -18.07 -11.62
CA GLN B 111 -11.79 -18.68 -12.33
C GLN B 111 -11.08 -19.66 -11.40
N ALA B 112 -10.96 -19.29 -10.13
CA ALA B 112 -10.33 -20.13 -9.13
C ALA B 112 -11.10 -21.45 -9.05
N PHE B 113 -12.44 -21.34 -9.05
CA PHE B 113 -13.32 -22.51 -9.01
C PHE B 113 -13.02 -23.40 -10.18
N ARG B 114 -12.88 -22.79 -11.36
CA ARG B 114 -12.57 -23.52 -12.58
C ARG B 114 -11.22 -24.21 -12.52
N GLU B 115 -10.26 -23.58 -11.83
CA GLU B 115 -8.91 -24.13 -11.72
C GLU B 115 -8.70 -25.05 -10.54
N GLY B 116 -9.70 -25.13 -9.67
CA GLY B 116 -9.58 -26.01 -8.52
C GLY B 116 -8.66 -25.42 -7.46
N LYS B 117 -8.61 -24.09 -7.39
CA LYS B 117 -7.78 -23.41 -6.42
C LYS B 117 -8.62 -22.63 -5.41
N VAL B 118 -8.08 -22.43 -4.22
CA VAL B 118 -8.77 -21.68 -3.19
C VAL B 118 -8.60 -20.20 -3.47
N ALA B 119 -9.62 -19.57 -4.05
CA ALA B 119 -9.59 -18.14 -4.35
C ALA B 119 -9.26 -17.45 -3.03
N SER B 120 -8.28 -16.56 -3.05
CA SER B 120 -7.83 -15.88 -1.84
C SER B 120 -7.94 -14.38 -1.95
N LEU B 121 -8.83 -13.82 -1.13
CA LEU B 121 -9.06 -12.38 -1.13
C LEU B 121 -8.65 -11.80 0.21
N ILE B 122 -8.69 -10.47 0.29
CA ILE B 122 -8.31 -9.80 1.51
C ILE B 122 -9.47 -9.00 2.06
N GLY B 123 -9.71 -9.16 3.35
CA GLY B 123 -10.76 -8.43 4.03
C GLY B 123 -10.09 -7.68 5.15
N VAL B 124 -10.21 -6.36 5.15
CA VAL B 124 -9.58 -5.56 6.19
C VAL B 124 -10.54 -5.34 7.35
N GLU B 125 -10.19 -5.96 8.48
CA GLU B 125 -11.04 -5.86 9.66
C GLU B 125 -10.82 -4.68 10.58
N GLY B 126 -11.51 -3.58 10.30
CA GLY B 126 -11.39 -2.42 11.16
C GLY B 126 -10.95 -1.17 10.43
N GLY B 127 -11.80 -0.15 10.47
CA GLY B 127 -11.52 1.12 9.83
C GLY B 127 -10.27 1.83 10.36
N HIS B 128 -9.81 1.46 11.56
CA HIS B 128 -8.60 2.07 12.12
C HIS B 128 -7.35 1.73 11.30
N SER B 129 -7.53 0.84 10.31
CA SER B 129 -6.46 0.44 9.39
C SER B 129 -6.17 1.51 8.36
N ILE B 130 -7.14 2.39 8.09
CA ILE B 130 -6.92 3.47 7.12
C ILE B 130 -6.54 4.78 7.81
N ASP B 131 -6.57 4.79 9.14
CA ASP B 131 -6.25 5.95 9.95
C ASP B 131 -6.92 7.25 9.43
N SER B 132 -8.24 7.16 9.24
CA SER B 132 -9.07 8.27 8.75
C SER B 132 -8.50 8.94 7.52
N SER B 133 -7.96 8.13 6.62
CA SER B 133 -7.37 8.65 5.40
C SER B 133 -7.96 8.00 4.16
N LEU B 134 -8.48 8.84 3.26
CA LEU B 134 -9.06 8.38 2.01
C LEU B 134 -7.95 7.90 1.07
N GLY B 135 -6.76 8.49 1.23
CA GLY B 135 -5.60 8.11 0.46
C GLY B 135 -5.11 6.74 0.87
N VAL B 136 -5.07 6.48 2.18
CA VAL B 136 -4.68 5.18 2.71
C VAL B 136 -5.71 4.12 2.28
N LEU B 137 -6.98 4.54 2.19
CA LEU B 137 -8.08 3.65 1.77
C LEU B 137 -7.84 3.14 0.35
N ARG B 138 -7.60 4.07 -0.58
CA ARG B 138 -7.35 3.73 -1.97
C ARG B 138 -6.07 2.90 -2.10
N ALA B 139 -5.11 3.16 -1.23
CA ALA B 139 -3.86 2.40 -1.24
C ALA B 139 -4.16 0.94 -0.86
N LEU B 140 -4.97 0.74 0.18
CA LEU B 140 -5.34 -0.61 0.62
C LEU B 140 -6.13 -1.29 -0.49
N TYR B 141 -6.91 -0.51 -1.23
CA TYR B 141 -7.67 -1.04 -2.35
C TYR B 141 -6.72 -1.59 -3.42
N GLN B 142 -5.74 -0.77 -3.78
CA GLN B 142 -4.75 -1.16 -4.78
C GLN B 142 -3.98 -2.41 -4.35
N LEU B 143 -3.76 -2.54 -3.06
CA LEU B 143 -3.07 -3.70 -2.49
C LEU B 143 -3.96 -4.94 -2.33
N GLY B 144 -5.20 -4.87 -2.81
CA GLY B 144 -6.09 -6.03 -2.74
C GLY B 144 -7.29 -6.05 -1.79
N MET B 145 -7.41 -5.05 -0.92
CA MET B 145 -8.55 -4.99 0.00
C MET B 145 -9.87 -5.02 -0.75
N ARG B 146 -10.68 -6.06 -0.50
CA ARG B 146 -11.98 -6.16 -1.17
C ARG B 146 -13.21 -5.99 -0.28
N TYR B 147 -12.96 -5.81 1.02
CA TYR B 147 -14.01 -5.49 1.98
C TYR B 147 -13.38 -4.80 3.15
N LEU B 148 -14.10 -3.85 3.73
CA LEU B 148 -13.61 -3.13 4.88
C LEU B 148 -14.61 -3.23 6.00
N THR B 149 -14.20 -3.87 7.10
CA THR B 149 -15.02 -3.98 8.29
C THR B 149 -14.89 -2.57 8.87
N LEU B 150 -15.96 -1.78 8.81
CA LEU B 150 -15.91 -0.38 9.28
C LEU B 150 -15.22 -0.15 10.62
N THR B 151 -15.47 -1.02 11.59
CA THR B 151 -14.80 -0.92 12.88
C THR B 151 -14.55 -2.33 13.36
N HIS B 152 -13.62 -2.49 14.30
CA HIS B 152 -13.42 -3.78 14.91
C HIS B 152 -14.13 -3.50 16.26
N SER B 153 -13.57 -3.95 17.38
CA SER B 153 -14.20 -3.71 18.68
C SER B 153 -13.76 -2.39 19.35
N CYS B 154 -13.74 -1.33 18.55
CA CYS B 154 -13.38 0.02 19.00
C CYS B 154 -13.86 0.98 17.94
N ASN B 155 -14.25 2.17 18.38
CA ASN B 155 -14.71 3.21 17.47
C ASN B 155 -13.54 3.81 16.69
N THR B 156 -13.84 4.30 15.50
CA THR B 156 -12.87 5.04 14.71
C THR B 156 -13.45 6.46 14.87
N PRO B 157 -12.74 7.49 14.39
CA PRO B 157 -13.34 8.82 14.58
C PRO B 157 -14.60 9.06 13.73
N TRP B 158 -14.95 8.10 12.87
CA TRP B 158 -16.09 8.26 11.96
C TRP B 158 -17.13 7.13 11.93
N ALA B 159 -16.95 6.10 12.76
CA ALA B 159 -17.90 4.98 12.81
C ALA B 159 -17.90 4.41 14.22
N ASP B 160 -19.06 3.93 14.65
CA ASP B 160 -19.25 3.36 15.98
C ASP B 160 -19.25 1.82 16.00
N ASN B 161 -18.51 1.25 16.97
CA ASN B 161 -18.40 -0.19 17.09
C ASN B 161 -19.51 -0.80 17.95
N TRP B 162 -19.62 -2.13 17.90
CA TRP B 162 -20.65 -2.86 18.62
C TRP B 162 -20.71 -2.66 20.13
N LEU B 163 -19.56 -2.38 20.74
CA LEU B 163 -19.48 -2.15 22.18
C LEU B 163 -20.27 -0.91 22.63
N VAL B 164 -20.70 -0.11 21.66
CA VAL B 164 -21.51 1.06 21.99
C VAL B 164 -22.86 0.50 22.50
N ASP B 165 -23.31 -0.58 21.85
CA ASP B 165 -24.56 -1.25 22.19
C ASP B 165 -24.56 -2.04 23.49
N THR B 166 -23.38 -2.26 24.06
CA THR B 166 -23.26 -2.99 25.33
C THR B 166 -22.90 -1.99 26.42
N GLY B 167 -22.79 -0.71 26.03
CA GLY B 167 -22.46 0.33 26.97
C GLY B 167 -20.97 0.46 27.22
N ASP B 168 -20.18 -0.48 26.72
CA ASP B 168 -18.74 -0.45 26.90
C ASP B 168 -18.06 0.62 26.04
N SER B 169 -18.82 1.19 25.11
CA SER B 169 -18.32 2.24 24.25
C SER B 169 -19.36 3.34 24.11
N GLU B 170 -18.90 4.57 24.04
CA GLU B 170 -19.78 5.72 23.88
C GLU B 170 -20.14 5.91 22.41
N PRO B 171 -21.40 6.27 22.13
CA PRO B 171 -21.88 6.48 20.76
C PRO B 171 -21.26 7.74 20.17
N GLN B 172 -19.99 7.65 19.78
CA GLN B 172 -19.25 8.79 19.25
C GLN B 172 -19.82 9.44 17.98
N SER B 173 -20.04 8.64 16.93
CA SER B 173 -20.57 9.18 15.67
C SER B 173 -22.05 8.95 15.47
N GLN B 174 -22.70 8.21 16.39
CA GLN B 174 -24.13 7.90 16.28
C GLN B 174 -24.33 7.22 14.93
N GLY B 175 -23.41 6.32 14.59
CA GLY B 175 -23.46 5.66 13.30
C GLY B 175 -22.28 6.17 12.49
N LEU B 176 -22.56 6.90 11.41
CA LEU B 176 -21.50 7.46 10.56
C LEU B 176 -21.39 8.98 10.64
N SER B 177 -20.15 9.47 10.82
CA SER B 177 -19.91 10.92 10.85
C SER B 177 -19.92 11.37 9.39
N PRO B 178 -19.85 12.68 9.12
CA PRO B 178 -19.85 13.14 7.73
C PRO B 178 -18.66 12.58 6.94
N PHE B 179 -17.51 12.43 7.60
CA PHE B 179 -16.33 11.85 6.96
C PHE B 179 -16.63 10.36 6.73
N GLY B 180 -17.19 9.72 7.76
CA GLY B 180 -17.56 8.33 7.65
C GLY B 180 -18.49 8.08 6.48
N GLN B 181 -19.34 9.05 6.17
CA GLN B 181 -20.25 8.92 5.04
C GLN B 181 -19.50 9.04 3.72
N ARG B 182 -18.43 9.84 3.72
CA ARG B 182 -17.62 9.98 2.52
C ARG B 182 -16.83 8.69 2.32
N VAL B 183 -16.49 8.02 3.43
CA VAL B 183 -15.77 6.75 3.36
C VAL B 183 -16.68 5.72 2.68
N VAL B 184 -17.98 5.75 3.01
CA VAL B 184 -18.94 4.83 2.40
C VAL B 184 -19.06 5.20 0.94
N LYS B 185 -19.13 6.48 0.66
CA LYS B 185 -19.23 6.93 -0.72
C LYS B 185 -18.01 6.44 -1.52
N GLU B 186 -16.83 6.54 -0.90
CA GLU B 186 -15.57 6.11 -1.53
C GLU B 186 -15.50 4.58 -1.74
N LEU B 187 -15.92 3.82 -0.71
CA LEU B 187 -15.93 2.36 -0.80
C LEU B 187 -16.88 1.94 -1.92
N ASN B 188 -17.98 2.67 -2.07
CA ASN B 188 -18.98 2.41 -3.12
C ASN B 188 -18.41 2.68 -4.49
N ARG B 189 -17.68 3.79 -4.61
CA ARG B 189 -17.05 4.19 -5.89
C ARG B 189 -15.98 3.20 -6.34
N LEU B 190 -15.21 2.70 -5.38
CA LEU B 190 -14.12 1.76 -5.66
C LEU B 190 -14.55 0.33 -5.94
N GLY B 191 -15.66 -0.09 -5.33
CA GLY B 191 -16.12 -1.45 -5.52
C GLY B 191 -15.62 -2.32 -4.37
N VAL B 192 -15.63 -1.77 -3.17
CA VAL B 192 -15.21 -2.51 -1.99
C VAL B 192 -16.46 -2.86 -1.19
N LEU B 193 -16.60 -4.13 -0.84
CA LEU B 193 -17.73 -4.61 -0.05
C LEU B 193 -17.62 -3.92 1.31
N ILE B 194 -18.69 -3.29 1.75
CA ILE B 194 -18.68 -2.64 3.07
C ILE B 194 -19.09 -3.75 4.04
N ASP B 195 -18.30 -3.93 5.10
CA ASP B 195 -18.55 -4.98 6.08
C ASP B 195 -19.03 -4.43 7.43
N LEU B 196 -20.20 -4.89 7.87
CA LEU B 196 -20.79 -4.43 9.12
C LEU B 196 -20.60 -5.30 10.36
N ALA B 197 -19.74 -6.30 10.30
CA ALA B 197 -19.48 -7.11 11.48
C ALA B 197 -18.78 -6.15 12.43
N HIS B 198 -18.93 -6.38 13.74
CA HIS B 198 -18.31 -5.55 14.79
C HIS B 198 -18.81 -4.10 14.98
N VAL B 199 -19.73 -3.63 14.12
CA VAL B 199 -20.23 -2.27 14.25
C VAL B 199 -21.51 -2.21 15.09
N SER B 200 -21.93 -0.99 15.43
CA SER B 200 -23.15 -0.79 16.23
C SER B 200 -24.37 -0.78 15.30
N VAL B 201 -25.55 -1.01 15.87
CA VAL B 201 -26.80 -1.05 15.09
C VAL B 201 -27.03 0.24 14.32
N ALA B 202 -26.77 1.38 14.96
CA ALA B 202 -26.94 2.66 14.30
C ALA B 202 -26.01 2.72 13.09
N THR B 203 -24.80 2.17 13.24
CA THR B 203 -23.85 2.16 12.12
C THR B 203 -24.36 1.18 11.08
N MET B 204 -24.92 0.06 11.53
CA MET B 204 -25.48 -0.92 10.59
C MET B 204 -26.59 -0.27 9.78
N LYS B 205 -27.52 0.40 10.48
CA LYS B 205 -28.65 1.05 9.82
C LYS B 205 -28.24 2.22 8.92
N ALA B 206 -27.34 3.07 9.42
CA ALA B 206 -26.85 4.19 8.64
C ALA B 206 -26.26 3.71 7.32
N THR B 207 -25.44 2.65 7.39
CA THR B 207 -24.79 2.08 6.20
C THR B 207 -25.75 1.39 5.23
N LEU B 208 -26.69 0.62 5.76
CA LEU B 208 -27.67 -0.07 4.92
C LEU B 208 -28.56 0.93 4.18
N GLN B 209 -28.72 2.12 4.76
CA GLN B 209 -29.51 3.18 4.12
C GLN B 209 -28.66 3.95 3.13
N LEU B 210 -27.43 4.27 3.56
CA LEU B 210 -26.50 5.05 2.76
C LEU B 210 -25.84 4.39 1.56
N SER B 211 -25.34 3.17 1.72
CA SER B 211 -24.65 2.47 0.64
C SER B 211 -25.48 2.35 -0.63
N ARG B 212 -24.82 2.52 -1.78
CA ARG B 212 -25.47 2.40 -3.07
C ARG B 212 -25.43 0.95 -3.54
N ALA B 213 -24.78 0.09 -2.74
CA ALA B 213 -24.66 -1.31 -3.10
C ALA B 213 -24.95 -2.19 -1.91
N PRO B 214 -25.21 -3.49 -2.14
CA PRO B 214 -25.49 -4.40 -1.03
C PRO B 214 -24.22 -4.49 -0.19
N VAL B 215 -24.39 -4.65 1.12
CA VAL B 215 -23.27 -4.74 2.04
C VAL B 215 -23.24 -6.15 2.67
N ILE B 216 -22.23 -6.42 3.49
CA ILE B 216 -22.14 -7.73 4.13
C ILE B 216 -21.80 -7.62 5.61
N PHE B 217 -21.93 -8.76 6.29
CA PHE B 217 -21.54 -8.93 7.68
C PHE B 217 -20.65 -10.15 7.45
N SER B 218 -19.34 -9.94 7.35
CA SER B 218 -18.39 -11.03 7.07
C SER B 218 -18.35 -12.16 8.07
N HIS B 219 -18.77 -11.88 9.30
CA HIS B 219 -18.80 -12.89 10.35
C HIS B 219 -19.69 -12.47 11.51
N SER B 220 -21.00 -12.49 11.26
CA SER B 220 -21.99 -12.13 12.27
C SER B 220 -23.14 -13.15 12.23
N SER B 221 -23.73 -13.42 13.40
CA SER B 221 -24.80 -14.38 13.53
C SER B 221 -26.18 -13.75 13.85
N ALA B 222 -27.14 -14.59 14.26
CA ALA B 222 -28.49 -14.12 14.58
C ALA B 222 -28.69 -13.72 16.05
N TYR B 223 -29.01 -12.44 16.25
CA TYR B 223 -29.24 -11.90 17.60
C TYR B 223 -30.41 -12.58 18.31
N SER B 224 -31.42 -12.99 17.54
CA SER B 224 -32.60 -13.67 18.08
C SER B 224 -32.26 -15.01 18.75
N VAL B 225 -31.30 -15.73 18.17
CA VAL B 225 -30.87 -17.01 18.70
C VAL B 225 -29.91 -16.81 19.87
N CYS B 226 -29.00 -15.84 19.73
CA CYS B 226 -28.05 -15.53 20.78
C CYS B 226 -27.90 -14.01 20.80
N ALA B 227 -28.36 -13.43 21.90
CA ALA B 227 -28.37 -11.99 22.11
C ALA B 227 -27.01 -11.36 22.36
N SER B 228 -26.06 -11.62 21.48
CA SER B 228 -24.74 -11.02 21.58
C SER B 228 -24.80 -9.80 20.64
N ARG B 229 -24.31 -8.65 21.08
CA ARG B 229 -24.33 -7.45 20.23
C ARG B 229 -23.39 -7.53 19.03
N ARG B 230 -22.72 -8.67 18.91
CA ARG B 230 -21.86 -8.94 17.76
C ARG B 230 -22.76 -9.61 16.74
N ASN B 231 -23.97 -9.94 17.16
CA ASN B 231 -24.94 -10.57 16.28
C ASN B 231 -25.88 -9.52 15.69
N VAL B 232 -26.65 -9.91 14.67
CA VAL B 232 -27.56 -9.00 13.98
C VAL B 232 -29.03 -9.16 14.38
N PRO B 233 -29.68 -8.05 14.80
CA PRO B 233 -31.09 -8.08 15.20
C PRO B 233 -32.05 -8.16 14.00
N ASP B 234 -33.27 -8.63 14.23
CA ASP B 234 -34.27 -8.78 13.17
C ASP B 234 -34.61 -7.57 12.32
N ASP B 235 -34.68 -6.39 12.94
CA ASP B 235 -35.01 -5.18 12.18
C ASP B 235 -33.92 -4.88 11.18
N VAL B 236 -32.67 -5.17 11.56
CA VAL B 236 -31.53 -4.98 10.67
C VAL B 236 -31.61 -6.10 9.63
N LEU B 237 -31.99 -7.30 10.06
CA LEU B 237 -32.12 -8.44 9.13
C LEU B 237 -33.14 -8.12 8.04
N ARG B 238 -34.15 -7.33 8.40
CA ARG B 238 -35.19 -6.93 7.43
C ARG B 238 -34.58 -5.94 6.43
N LEU B 239 -33.72 -5.06 6.92
CA LEU B 239 -33.03 -4.08 6.07
C LEU B 239 -32.12 -4.83 5.12
N VAL B 240 -31.51 -5.92 5.62
CA VAL B 240 -30.64 -6.77 4.82
C VAL B 240 -31.42 -7.38 3.66
N LYS B 241 -32.65 -7.80 3.92
CA LYS B 241 -33.48 -8.39 2.88
C LYS B 241 -33.85 -7.33 1.85
N GLN B 242 -34.26 -6.17 2.36
CA GLN B 242 -34.66 -5.02 1.55
C GLN B 242 -33.56 -4.62 0.55
N THR B 243 -32.33 -4.49 1.05
CA THR B 243 -31.18 -4.11 0.23
C THR B 243 -30.50 -5.28 -0.52
N ASP B 244 -30.99 -6.49 -0.30
CA ASP B 244 -30.45 -7.70 -0.93
C ASP B 244 -29.01 -7.96 -0.45
N SER B 245 -28.76 -7.65 0.81
CA SER B 245 -27.45 -7.82 1.42
C SER B 245 -27.16 -9.25 1.90
N LEU B 246 -26.05 -9.42 2.62
CA LEU B 246 -25.62 -10.74 3.07
C LEU B 246 -24.99 -10.82 4.46
N VAL B 247 -25.46 -11.78 5.26
CA VAL B 247 -24.94 -12.01 6.59
C VAL B 247 -24.24 -13.36 6.53
N MET B 248 -22.92 -13.35 6.72
CA MET B 248 -22.11 -14.56 6.67
C MET B 248 -21.91 -14.98 8.11
N VAL B 249 -22.49 -16.13 8.44
CA VAL B 249 -22.49 -16.67 9.80
C VAL B 249 -21.17 -17.00 10.47
N ASN B 250 -21.04 -16.48 11.68
CA ASN B 250 -19.88 -16.64 12.56
C ASN B 250 -20.10 -17.92 13.39
N PHE B 251 -19.10 -18.79 13.49
CA PHE B 251 -19.21 -20.03 14.25
C PHE B 251 -18.81 -19.94 15.73
N TYR B 252 -18.28 -18.79 16.16
CA TYR B 252 -17.85 -18.61 17.55
C TYR B 252 -18.94 -19.05 18.55
N ASN B 253 -18.58 -19.99 19.43
CA ASN B 253 -19.49 -20.55 20.43
C ASN B 253 -20.31 -19.54 21.20
N ASN B 254 -19.63 -18.55 21.78
CA ASN B 254 -20.30 -17.53 22.56
C ASN B 254 -21.23 -16.60 21.79
N TYR B 255 -21.23 -16.69 20.46
CA TYR B 255 -22.12 -15.88 19.63
C TYR B 255 -23.19 -16.80 19.07
N ILE B 256 -22.96 -18.10 19.18
CA ILE B 256 -23.87 -19.10 18.67
C ILE B 256 -24.81 -19.60 19.77
N SER B 257 -24.25 -20.05 20.88
CA SER B 257 -25.04 -20.56 21.99
C SER B 257 -25.06 -19.59 23.17
N CYS B 258 -24.31 -18.50 23.05
CA CYS B 258 -24.18 -17.48 24.08
C CYS B 258 -23.46 -18.02 25.32
N THR B 259 -22.72 -19.10 25.13
CA THR B 259 -21.95 -19.74 26.18
C THR B 259 -20.71 -20.36 25.55
N ASN B 260 -19.79 -20.84 26.39
CA ASN B 260 -18.56 -21.46 25.94
C ASN B 260 -18.78 -22.74 25.15
N LYS B 261 -19.85 -23.47 25.45
CA LYS B 261 -20.16 -24.72 24.78
C LYS B 261 -21.19 -24.53 23.66
N ALA B 262 -20.91 -25.09 22.49
CA ALA B 262 -21.81 -24.99 21.34
C ALA B 262 -21.56 -26.15 20.37
N ASN B 263 -22.57 -26.48 19.58
CA ASN B 263 -22.45 -27.57 18.61
C ASN B 263 -22.96 -27.17 17.23
N LEU B 264 -22.65 -28.00 16.24
CA LEU B 264 -23.03 -27.78 14.85
C LEU B 264 -24.51 -27.44 14.61
N SER B 265 -25.41 -28.13 15.31
CA SER B 265 -26.84 -27.93 15.18
C SER B 265 -27.28 -26.51 15.53
N GLN B 266 -26.67 -25.94 16.56
CA GLN B 266 -26.98 -24.58 16.99
C GLN B 266 -26.58 -23.54 15.95
N VAL B 267 -25.59 -23.86 15.13
CA VAL B 267 -25.13 -22.95 14.06
C VAL B 267 -26.20 -22.99 12.97
N ALA B 268 -26.76 -24.18 12.72
CA ALA B 268 -27.82 -24.31 11.72
C ALA B 268 -29.08 -23.54 12.15
N ASP B 269 -29.28 -23.38 13.46
CA ASP B 269 -30.41 -22.61 14.00
C ASP B 269 -30.25 -21.15 13.58
N HIS B 270 -29.01 -20.63 13.65
CA HIS B 270 -28.73 -19.25 13.26
C HIS B 270 -28.98 -19.12 11.77
N LEU B 271 -28.53 -20.12 11.01
CA LEU B 271 -28.71 -20.14 9.56
C LEU B 271 -30.19 -20.15 9.19
N ASP B 272 -30.97 -20.94 9.92
CA ASP B 272 -32.41 -21.03 9.70
C ASP B 272 -33.06 -19.68 9.93
N HIS B 273 -32.68 -19.04 11.04
CA HIS B 273 -33.24 -17.74 11.40
C HIS B 273 -32.91 -16.67 10.39
N ILE B 274 -31.64 -16.61 9.99
CA ILE B 274 -31.20 -15.63 9.01
C ILE B 274 -31.96 -15.88 7.71
N LYS B 275 -32.14 -17.16 7.37
CA LYS B 275 -32.86 -17.49 6.16
C LYS B 275 -34.33 -17.08 6.26
N GLU B 276 -34.95 -17.21 7.43
CA GLU B 276 -36.36 -16.85 7.55
C GLU B 276 -36.61 -15.33 7.59
N VAL B 277 -35.81 -14.59 8.35
CA VAL B 277 -35.97 -13.14 8.47
C VAL B 277 -35.35 -12.28 7.36
N ALA B 278 -34.10 -12.57 7.00
CA ALA B 278 -33.40 -11.81 5.95
C ALA B 278 -33.57 -12.40 4.56
N GLY B 279 -34.07 -13.63 4.49
CA GLY B 279 -34.27 -14.27 3.20
C GLY B 279 -33.14 -15.24 2.87
N ALA B 280 -33.43 -16.22 2.03
CA ALA B 280 -32.44 -17.23 1.63
C ALA B 280 -31.21 -16.67 0.90
N ARG B 281 -31.39 -15.58 0.16
CA ARG B 281 -30.24 -15.02 -0.55
C ARG B 281 -29.35 -14.14 0.33
N ALA B 282 -29.73 -14.01 1.60
CA ALA B 282 -28.96 -13.19 2.54
C ALA B 282 -28.15 -14.05 3.51
N VAL B 283 -28.01 -15.33 3.19
CA VAL B 283 -27.28 -16.22 4.09
C VAL B 283 -25.91 -16.67 3.54
N GLY B 284 -24.90 -16.72 4.41
CA GLY B 284 -23.58 -17.14 3.99
C GLY B 284 -22.79 -17.70 5.14
N PHE B 285 -21.49 -17.92 4.92
CA PHE B 285 -20.59 -18.47 5.95
C PHE B 285 -19.43 -17.53 6.23
N GLY B 286 -19.19 -17.25 7.50
CA GLY B 286 -18.09 -16.37 7.91
C GLY B 286 -17.66 -16.91 9.24
N GLY B 287 -17.17 -18.15 9.22
CA GLY B 287 -16.77 -18.87 10.41
C GLY B 287 -15.98 -18.25 11.53
N ASP B 288 -15.09 -17.32 11.19
CA ASP B 288 -14.24 -16.69 12.19
C ASP B 288 -13.17 -17.68 12.70
N PHE B 289 -12.89 -18.69 11.90
CA PHE B 289 -11.86 -19.69 12.24
C PHE B 289 -10.53 -18.97 12.41
N ASP B 290 -9.77 -19.43 13.40
CA ASP B 290 -8.46 -18.85 13.74
C ASP B 290 -8.55 -17.44 14.32
N GLY B 291 -9.78 -16.98 14.52
CA GLY B 291 -10.02 -15.66 15.11
C GLY B 291 -10.72 -15.79 16.45
N VAL B 292 -11.13 -17.00 16.78
CA VAL B 292 -11.86 -17.29 18.03
C VAL B 292 -11.25 -18.46 18.81
N PRO B 293 -11.39 -18.44 20.15
CA PRO B 293 -10.85 -19.49 21.01
C PRO B 293 -11.73 -20.74 21.08
N ARG B 294 -12.99 -20.59 20.70
CA ARG B 294 -13.95 -21.68 20.73
C ARG B 294 -14.78 -21.82 19.48
N VAL B 295 -14.80 -23.04 18.95
CA VAL B 295 -15.60 -23.38 17.77
C VAL B 295 -16.47 -24.59 18.17
N PRO B 296 -17.68 -24.70 17.60
CA PRO B 296 -18.62 -25.78 17.90
C PRO B 296 -18.17 -27.23 17.71
N GLU B 297 -18.88 -28.15 18.38
CA GLU B 297 -18.65 -29.59 18.27
C GLU B 297 -19.15 -29.88 16.87
N GLY B 298 -18.33 -30.57 16.07
CA GLY B 298 -18.70 -30.87 14.70
C GLY B 298 -18.09 -29.90 13.71
N LEU B 299 -17.65 -28.75 14.20
CA LEU B 299 -17.02 -27.71 13.37
C LEU B 299 -15.69 -27.34 14.03
N GLU B 300 -14.88 -28.35 14.31
CA GLU B 300 -13.59 -28.19 14.96
C GLU B 300 -12.59 -27.37 14.14
N ASP B 301 -12.72 -27.45 12.82
CA ASP B 301 -11.84 -26.73 11.90
C ASP B 301 -12.44 -26.50 10.51
N VAL B 302 -11.63 -25.98 9.60
CA VAL B 302 -12.10 -25.67 8.24
C VAL B 302 -12.51 -26.86 7.38
N SER B 303 -12.21 -28.08 7.84
CA SER B 303 -12.57 -29.27 7.07
C SER B 303 -14.00 -29.72 7.33
N LYS B 304 -14.69 -29.05 8.25
CA LYS B 304 -16.04 -29.44 8.62
C LYS B 304 -17.22 -28.84 7.88
N TYR B 305 -16.98 -27.96 6.92
CA TYR B 305 -18.06 -27.35 6.17
C TYR B 305 -19.08 -28.33 5.57
N PRO B 306 -18.63 -29.46 4.96
CA PRO B 306 -19.59 -30.40 4.37
C PRO B 306 -20.63 -30.94 5.36
N ASP B 307 -20.24 -31.05 6.62
CA ASP B 307 -21.12 -31.54 7.69
C ASP B 307 -22.19 -30.51 8.03
N LEU B 308 -21.83 -29.24 7.92
CA LEU B 308 -22.76 -28.17 8.20
C LEU B 308 -23.77 -28.15 7.06
N ILE B 309 -23.27 -28.32 5.83
CA ILE B 309 -24.15 -28.33 4.67
C ILE B 309 -25.08 -29.56 4.70
N ALA B 310 -24.54 -30.72 5.08
CA ALA B 310 -25.32 -31.95 5.20
C ALA B 310 -26.51 -31.72 6.16
N GLU B 311 -26.25 -31.02 7.26
CA GLU B 311 -27.27 -30.71 8.27
C GLU B 311 -28.35 -29.80 7.70
N LEU B 312 -27.96 -28.87 6.83
CA LEU B 312 -28.92 -27.96 6.22
C LEU B 312 -29.81 -28.73 5.26
N LEU B 313 -29.24 -29.73 4.60
CA LEU B 313 -29.99 -30.58 3.68
C LEU B 313 -30.99 -31.43 4.49
N ARG B 314 -30.53 -31.90 5.66
CA ARG B 314 -31.36 -32.69 6.55
C ARG B 314 -32.56 -31.88 7.04
N ARG B 315 -32.36 -30.56 7.16
CA ARG B 315 -33.41 -29.63 7.60
C ARG B 315 -34.24 -29.12 6.43
N ASN B 316 -34.10 -29.80 5.29
CA ASN B 316 -34.81 -29.51 4.05
C ASN B 316 -34.42 -28.26 3.22
N TRP B 317 -33.22 -27.73 3.42
CA TRP B 317 -32.80 -26.60 2.59
C TRP B 317 -32.69 -27.20 1.19
N THR B 318 -33.15 -26.48 0.17
CA THR B 318 -33.07 -26.96 -1.21
C THR B 318 -31.64 -26.80 -1.72
N GLU B 319 -31.33 -27.43 -2.86
CA GLU B 319 -30.00 -27.33 -3.44
C GLU B 319 -29.66 -25.88 -3.75
N ALA B 320 -30.61 -25.18 -4.37
CA ALA B 320 -30.42 -23.76 -4.70
C ALA B 320 -30.09 -22.95 -3.45
N GLU B 321 -30.81 -23.22 -2.36
CA GLU B 321 -30.60 -22.51 -1.10
C GLU B 321 -29.20 -22.76 -0.51
N VAL B 322 -28.71 -24.01 -0.56
CA VAL B 322 -27.38 -24.29 -0.04
C VAL B 322 -26.28 -23.76 -0.99
N LYS B 323 -26.57 -23.73 -2.29
CA LYS B 323 -25.60 -23.22 -3.26
C LYS B 323 -25.43 -21.71 -3.06
N GLY B 324 -26.52 -21.05 -2.69
CA GLY B 324 -26.48 -19.62 -2.43
C GLY B 324 -25.70 -19.34 -1.15
N ALA B 325 -25.93 -20.16 -0.14
CA ALA B 325 -25.25 -20.03 1.14
C ALA B 325 -23.77 -20.34 0.97
N LEU B 326 -23.47 -21.31 0.12
CA LEU B 326 -22.10 -21.73 -0.17
C LEU B 326 -21.24 -20.68 -0.85
N ALA B 327 -21.72 -20.18 -1.99
CA ALA B 327 -20.96 -19.21 -2.76
C ALA B 327 -21.77 -18.21 -3.58
N ASP B 328 -22.95 -18.62 -4.04
CA ASP B 328 -23.76 -17.76 -4.90
C ASP B 328 -24.28 -16.43 -4.36
N ASN B 329 -24.57 -16.37 -3.07
CA ASN B 329 -25.05 -15.12 -2.50
C ASN B 329 -23.91 -14.11 -2.40
N LEU B 330 -22.72 -14.61 -2.03
CA LEU B 330 -21.53 -13.77 -1.94
C LEU B 330 -21.20 -13.22 -3.34
N LEU B 331 -21.23 -14.10 -4.34
CA LEU B 331 -20.94 -13.73 -5.73
C LEU B 331 -21.92 -12.69 -6.25
N ARG B 332 -23.20 -12.87 -5.92
CA ARG B 332 -24.21 -11.92 -6.34
C ARG B 332 -23.92 -10.56 -5.71
N VAL B 333 -23.63 -10.55 -4.41
CA VAL B 333 -23.34 -9.30 -3.71
C VAL B 333 -22.05 -8.65 -4.23
N PHE B 334 -21.03 -9.48 -4.49
CA PHE B 334 -19.73 -9.01 -5.00
C PHE B 334 -19.91 -8.39 -6.38
N GLU B 335 -20.71 -9.03 -7.23
CA GLU B 335 -20.95 -8.51 -8.57
C GLU B 335 -21.72 -7.20 -8.52
N ALA B 336 -22.66 -7.07 -7.56
CA ALA B 336 -23.43 -5.83 -7.44
C ALA B 336 -22.53 -4.68 -7.01
N VAL B 337 -21.58 -4.98 -6.12
CA VAL B 337 -20.62 -4.02 -5.62
C VAL B 337 -19.72 -3.54 -6.77
N GLU B 338 -19.42 -4.44 -7.70
CA GLU B 338 -18.60 -4.11 -8.84
C GLU B 338 -19.39 -3.28 -9.85
N GLN B 339 -20.66 -3.61 -10.03
CA GLN B 339 -21.51 -2.89 -10.98
C GLN B 339 -21.75 -1.45 -10.50
N ALA B 340 -21.87 -1.28 -9.20
CA ALA B 340 -22.11 0.02 -8.58
C ALA B 340 -20.86 0.89 -8.41
N SER B 341 -19.70 0.34 -8.75
CA SER B 341 -18.46 1.12 -8.61
C SER B 341 -18.36 2.09 -9.78
N ASN B 342 -17.52 3.12 -9.62
CA ASN B 342 -17.32 4.13 -10.65
C ASN B 342 -15.88 4.63 -10.57
N LEU B 343 -14.98 3.88 -11.19
CA LEU B 343 -13.56 4.22 -11.17
C LEU B 343 -13.24 5.45 -12.01
N THR B 344 -14.20 5.87 -12.84
CA THR B 344 -14.02 7.06 -13.68
C THR B 344 -14.28 8.32 -12.85
N GLN B 345 -15.19 8.19 -11.89
CA GLN B 345 -15.56 9.29 -10.99
C GLN B 345 -14.37 9.71 -10.13
N ALA B 346 -14.20 11.02 -9.99
CA ALA B 346 -13.12 11.59 -9.19
C ALA B 346 -13.24 11.11 -7.75
N PRO B 347 -12.13 10.63 -7.18
CA PRO B 347 -12.05 10.13 -5.81
C PRO B 347 -12.38 11.14 -4.73
N GLU B 348 -12.90 10.65 -3.61
CA GLU B 348 -13.21 11.51 -2.47
C GLU B 348 -11.86 12.01 -1.93
N GLU B 349 -11.74 13.32 -1.78
CA GLU B 349 -10.49 13.91 -1.29
C GLU B 349 -10.64 14.90 -0.14
N GLU B 350 -11.86 15.09 0.36
CA GLU B 350 -12.05 16.01 1.48
C GLU B 350 -11.63 15.27 2.73
N PRO B 351 -10.56 15.72 3.37
CA PRO B 351 -10.11 15.02 4.59
C PRO B 351 -10.99 15.20 5.81
N ILE B 352 -10.74 14.34 6.80
CA ILE B 352 -11.46 14.40 8.05
C ILE B 352 -10.99 15.68 8.75
N PRO B 353 -11.90 16.43 9.39
CA PRO B 353 -11.48 17.65 10.08
C PRO B 353 -10.42 17.29 11.11
N LEU B 354 -9.40 18.15 11.19
CA LEU B 354 -8.27 17.97 12.08
C LEU B 354 -8.66 17.73 13.54
N ASP B 355 -9.70 18.41 14.00
CA ASP B 355 -10.18 18.26 15.39
C ASP B 355 -10.72 16.86 15.67
N GLN B 356 -10.94 16.09 14.60
CA GLN B 356 -11.46 14.73 14.72
C GLN B 356 -10.39 13.64 14.68
N LEU B 357 -9.14 14.00 14.34
CA LEU B 357 -8.03 13.04 14.32
C LEU B 357 -7.51 12.87 15.75
N GLY B 358 -7.40 11.61 16.19
CA GLY B 358 -6.95 11.35 17.55
C GLY B 358 -5.54 10.84 17.75
N GLY B 359 -5.18 10.63 19.01
CA GLY B 359 -3.86 10.12 19.35
C GLY B 359 -2.75 11.17 19.37
N SER B 360 -1.59 10.75 19.82
CA SER B 360 -0.42 11.64 19.91
C SER B 360 0.70 11.08 19.04
N CYS B 361 0.31 10.44 17.94
CA CYS B 361 1.28 9.81 17.06
C CYS B 361 1.20 10.27 15.62
N ARG B 362 1.02 11.56 15.42
CA ARG B 362 0.94 12.07 14.08
C ARG B 362 1.44 13.50 14.00
N THR B 363 1.39 14.04 12.79
CA THR B 363 1.81 15.39 12.50
C THR B 363 0.65 15.97 11.70
N HIS B 364 0.59 17.29 11.54
CA HIS B 364 -0.54 17.89 10.85
C HIS B 364 -0.34 18.63 9.53
N TYR B 365 0.54 18.09 8.69
CA TYR B 365 0.83 18.67 7.39
C TYR B 365 -0.39 18.69 6.49
N GLY B 366 -0.49 19.71 5.66
CA GLY B 366 -1.63 19.83 4.77
C GLY B 366 -2.76 20.63 5.37
N TYR B 367 -2.96 20.49 6.68
CA TYR B 367 -3.99 21.21 7.41
C TYR B 367 -3.51 22.59 7.82
N SER B 368 -4.28 23.62 7.45
CA SER B 368 -3.89 24.99 7.79
C SER B 368 -5.04 26.01 7.95
N SER B 369 -5.72 26.29 6.84
CA SER B 369 -6.83 27.25 6.79
C SER B 369 -8.14 26.88 7.49
#